data_2N57
#
_entry.id   2N57
#
_entity_poly.entity_id   1
_entity_poly.type   'polypeptide(L)'
_entity_poly.pdbx_seq_one_letter_code
;MSDTAERVKKIVVEHLGVDADKVTEGASFIDDLGADSLDTVELVMAFEEEFGVEIPDDAAETILTVGDAVKFIDKASA
;
_entity_poly.pdbx_strand_id   A
#
# COMPACT_ATOMS: atom_id res chain seq x y z
N MET A 1 2.23 16.18 5.31
CA MET A 1 1.50 16.35 6.57
C MET A 1 1.09 15.00 7.13
N SER A 2 0.93 14.01 6.27
CA SER A 2 0.53 12.67 6.69
C SER A 2 1.74 11.87 7.18
N ASP A 3 1.51 11.03 8.18
CA ASP A 3 2.57 10.21 8.75
C ASP A 3 2.63 8.84 8.07
N THR A 4 1.48 8.22 7.91
CA THR A 4 1.40 6.91 7.28
C THR A 4 1.47 7.02 5.77
N ALA A 5 0.73 7.97 5.22
CA ALA A 5 0.73 8.19 3.77
C ALA A 5 2.14 8.33 3.23
N GLU A 6 2.88 9.30 3.76
CA GLU A 6 4.25 9.54 3.32
C GLU A 6 5.07 8.26 3.39
N ARG A 7 4.88 7.49 4.45
CA ARG A 7 5.61 6.25 4.64
C ARG A 7 5.26 5.25 3.54
N VAL A 8 3.99 4.89 3.45
CA VAL A 8 3.53 3.94 2.44
C VAL A 8 3.99 4.36 1.05
N LYS A 9 3.65 5.58 0.66
CA LYS A 9 4.04 6.10 -0.65
C LYS A 9 5.53 5.96 -0.87
N LYS A 10 6.32 6.39 0.12
CA LYS A 10 7.77 6.31 0.04
C LYS A 10 8.22 4.88 -0.27
N ILE A 11 7.77 3.94 0.54
CA ILE A 11 8.12 2.54 0.36
C ILE A 11 7.70 2.04 -1.03
N VAL A 12 6.56 2.51 -1.50
CA VAL A 12 6.05 2.12 -2.81
C VAL A 12 6.95 2.66 -3.93
N VAL A 13 7.45 3.88 -3.74
CA VAL A 13 8.30 4.51 -4.73
C VAL A 13 9.69 3.87 -4.74
N GLU A 14 10.15 3.46 -3.56
CA GLU A 14 11.46 2.83 -3.42
C GLU A 14 11.40 1.35 -3.82
N HIS A 15 10.22 0.75 -3.68
CA HIS A 15 10.03 -0.65 -4.02
C HIS A 15 9.68 -0.81 -5.51
N LEU A 16 8.65 -0.11 -5.95
CA LEU A 16 8.22 -0.18 -7.33
C LEU A 16 9.17 0.60 -8.23
N GLY A 17 9.71 1.69 -7.70
CA GLY A 17 10.63 2.52 -8.47
C GLY A 17 9.92 3.46 -9.42
N VAL A 18 8.71 3.87 -9.04
CA VAL A 18 7.93 4.79 -9.86
C VAL A 18 7.90 6.19 -9.27
N ASP A 19 7.11 7.07 -9.88
CA ASP A 19 6.98 8.44 -9.40
C ASP A 19 6.08 8.51 -8.18
N ALA A 20 6.37 9.47 -7.29
CA ALA A 20 5.59 9.64 -6.08
C ALA A 20 4.27 10.35 -6.38
N ASP A 21 4.32 11.33 -7.28
CA ASP A 21 3.13 12.08 -7.67
C ASP A 21 2.01 11.14 -8.10
N LYS A 22 2.36 10.10 -8.83
CA LYS A 22 1.38 9.13 -9.30
C LYS A 22 0.75 8.37 -8.13
N VAL A 23 1.48 8.29 -7.02
CA VAL A 23 0.99 7.60 -5.84
C VAL A 23 -0.04 8.45 -5.10
N THR A 24 -1.27 8.44 -5.60
CA THR A 24 -2.34 9.22 -4.98
C THR A 24 -3.38 8.30 -4.34
N GLU A 25 -4.23 8.87 -3.49
CA GLU A 25 -5.27 8.12 -2.82
C GLU A 25 -6.09 7.30 -3.82
N GLY A 26 -6.34 7.90 -4.98
CA GLY A 26 -7.12 7.22 -6.00
C GLY A 26 -6.25 6.48 -6.99
N ALA A 27 -5.10 6.00 -6.53
CA ALA A 27 -4.18 5.27 -7.39
C ALA A 27 -4.26 3.77 -7.14
N SER A 28 -4.81 3.04 -8.10
CA SER A 28 -4.96 1.59 -7.99
C SER A 28 -3.73 0.87 -8.56
N PHE A 29 -3.03 0.15 -7.69
CA PHE A 29 -1.84 -0.58 -8.09
C PHE A 29 -2.18 -1.65 -9.13
N ILE A 30 -3.47 -1.93 -9.27
CA ILE A 30 -3.94 -2.93 -10.22
C ILE A 30 -4.09 -2.34 -11.62
N ASP A 31 -4.83 -1.24 -11.72
CA ASP A 31 -5.04 -0.57 -13.00
C ASP A 31 -4.04 0.56 -13.19
N ASP A 32 -4.09 1.54 -12.30
CA ASP A 32 -3.18 2.68 -12.37
C ASP A 32 -1.76 2.23 -12.71
N LEU A 33 -1.32 1.15 -12.08
CA LEU A 33 0.01 0.62 -12.32
C LEU A 33 -0.03 -0.57 -13.28
N GLY A 34 -1.23 -1.13 -13.47
CA GLY A 34 -1.39 -2.26 -14.35
C GLY A 34 -0.82 -3.53 -13.78
N ALA A 35 -0.91 -3.69 -12.46
CA ALA A 35 -0.40 -4.88 -11.78
C ALA A 35 -1.53 -5.85 -11.45
N ASP A 36 -1.16 -7.04 -11.00
CA ASP A 36 -2.15 -8.05 -10.64
C ASP A 36 -2.22 -8.23 -9.13
N SER A 37 -3.09 -9.13 -8.69
CA SER A 37 -3.27 -9.39 -7.26
C SER A 37 -1.93 -9.71 -6.60
N LEU A 38 -1.05 -10.35 -7.36
CA LEU A 38 0.28 -10.71 -6.85
C LEU A 38 0.99 -9.48 -6.28
N ASP A 39 1.14 -8.45 -7.09
CA ASP A 39 1.80 -7.23 -6.67
C ASP A 39 1.17 -6.69 -5.39
N THR A 40 -0.15 -6.63 -5.36
CA THR A 40 -0.87 -6.13 -4.19
C THR A 40 -0.48 -6.91 -2.94
N VAL A 41 -0.51 -8.24 -3.04
CA VAL A 41 -0.17 -9.11 -1.92
C VAL A 41 1.24 -8.81 -1.41
N GLU A 42 2.21 -8.82 -2.33
CA GLU A 42 3.59 -8.55 -1.97
C GLU A 42 3.71 -7.24 -1.20
N LEU A 43 3.15 -6.18 -1.75
CA LEU A 43 3.19 -4.87 -1.11
C LEU A 43 2.63 -4.93 0.31
N VAL A 44 1.45 -5.53 0.44
CA VAL A 44 0.80 -5.66 1.75
C VAL A 44 1.73 -6.30 2.76
N MET A 45 2.34 -7.42 2.36
CA MET A 45 3.26 -8.14 3.23
C MET A 45 4.42 -7.25 3.65
N ALA A 46 5.00 -6.54 2.68
CA ALA A 46 6.11 -5.65 2.94
C ALA A 46 5.76 -4.62 4.01
N PHE A 47 4.64 -3.94 3.82
CA PHE A 47 4.20 -2.92 4.78
C PHE A 47 3.93 -3.54 6.14
N GLU A 48 3.33 -4.73 6.13
CA GLU A 48 3.02 -5.43 7.38
C GLU A 48 4.28 -5.72 8.18
N GLU A 49 5.33 -6.14 7.48
CA GLU A 49 6.60 -6.45 8.12
C GLU A 49 7.34 -5.18 8.51
N GLU A 50 7.17 -4.13 7.71
CA GLU A 50 7.83 -2.86 7.97
C GLU A 50 7.31 -2.23 9.26
N PHE A 51 6.00 -2.09 9.36
CA PHE A 51 5.37 -1.51 10.54
C PHE A 51 5.27 -2.53 11.66
N GLY A 52 5.26 -3.81 11.30
CA GLY A 52 5.17 -4.86 12.27
C GLY A 52 3.76 -5.06 12.79
N VAL A 53 2.82 -5.30 11.88
CA VAL A 53 1.42 -5.51 12.24
C VAL A 53 0.93 -6.88 11.80
N GLU A 54 -0.31 -7.20 12.14
CA GLU A 54 -0.90 -8.47 11.78
C GLU A 54 -2.30 -8.29 11.22
N ILE A 55 -2.45 -8.54 9.92
CA ILE A 55 -3.74 -8.40 9.25
C ILE A 55 -4.15 -9.70 8.57
N PRO A 56 -5.46 -9.87 8.37
CA PRO A 56 -6.01 -11.07 7.71
C PRO A 56 -5.68 -11.13 6.23
N ASP A 57 -5.98 -12.26 5.60
CA ASP A 57 -5.70 -12.45 4.19
C ASP A 57 -6.69 -11.65 3.33
N ASP A 58 -7.95 -11.63 3.77
CA ASP A 58 -8.99 -10.89 3.05
C ASP A 58 -8.61 -9.42 2.90
N ALA A 59 -7.79 -8.92 3.81
CA ALA A 59 -7.36 -7.54 3.78
C ALA A 59 -6.80 -7.17 2.41
N ALA A 60 -5.93 -8.03 1.89
CA ALA A 60 -5.32 -7.79 0.58
C ALA A 60 -6.38 -7.60 -0.50
N GLU A 61 -7.56 -8.17 -0.26
CA GLU A 61 -8.66 -8.07 -1.21
C GLU A 61 -9.35 -6.71 -1.10
N THR A 62 -9.32 -6.13 0.10
CA THR A 62 -9.93 -4.84 0.35
C THR A 62 -9.01 -3.70 -0.06
N ILE A 63 -7.72 -4.00 -0.18
CA ILE A 63 -6.74 -3.00 -0.56
C ILE A 63 -6.62 -2.89 -2.08
N LEU A 64 -7.23 -1.85 -2.64
CA LEU A 64 -7.19 -1.63 -4.08
C LEU A 64 -6.34 -0.41 -4.42
N THR A 65 -6.72 0.75 -3.88
CA THR A 65 -5.98 1.98 -4.13
C THR A 65 -5.01 2.28 -2.98
N VAL A 66 -4.11 3.23 -3.23
CA VAL A 66 -3.13 3.61 -2.21
C VAL A 66 -3.80 3.95 -0.89
N GLY A 67 -4.86 4.76 -0.95
CA GLY A 67 -5.58 5.14 0.25
C GLY A 67 -5.98 3.94 1.08
N ASP A 68 -6.34 2.85 0.41
CA ASP A 68 -6.76 1.63 1.09
C ASP A 68 -5.59 1.02 1.86
N ALA A 69 -4.50 0.74 1.17
CA ALA A 69 -3.32 0.16 1.78
C ALA A 69 -2.81 1.04 2.91
N VAL A 70 -2.69 2.33 2.65
CA VAL A 70 -2.20 3.28 3.64
C VAL A 70 -3.10 3.30 4.87
N LYS A 71 -4.39 3.52 4.65
CA LYS A 71 -5.36 3.55 5.73
C LYS A 71 -5.31 2.27 6.56
N PHE A 72 -5.10 1.15 5.88
CA PHE A 72 -5.03 -0.14 6.55
C PHE A 72 -3.82 -0.20 7.48
N ILE A 73 -2.64 0.05 6.93
CA ILE A 73 -1.42 0.03 7.73
C ILE A 73 -1.52 0.96 8.93
N ASP A 74 -2.12 2.11 8.72
CA ASP A 74 -2.29 3.10 9.79
C ASP A 74 -3.26 2.60 10.85
N LYS A 75 -4.32 1.94 10.41
CA LYS A 75 -5.33 1.40 11.31
C LYS A 75 -4.74 0.30 12.17
N ALA A 76 -4.03 -0.63 11.53
CA ALA A 76 -3.41 -1.75 12.25
C ALA A 76 -2.20 -1.29 13.04
N SER A 77 -1.59 -0.19 12.61
CA SER A 77 -0.42 0.35 13.28
C SER A 77 -0.74 0.70 14.74
N ALA A 78 -2.00 1.05 14.99
CA ALA A 78 -2.42 1.40 16.34
C ALA A 78 -2.82 0.16 17.13
N MET A 1 0.20 13.37 3.22
CA MET A 1 -0.81 13.99 4.07
C MET A 1 -0.63 13.58 5.53
N SER A 2 -0.49 12.28 5.75
CA SER A 2 -0.31 11.76 7.10
C SER A 2 1.03 11.03 7.23
N ASP A 3 1.50 10.88 8.46
CA ASP A 3 2.77 10.20 8.73
C ASP A 3 2.78 8.81 8.09
N THR A 4 1.64 8.13 8.17
CA THR A 4 1.52 6.78 7.61
C THR A 4 1.62 6.82 6.09
N ALA A 5 0.87 7.71 5.46
CA ALA A 5 0.88 7.85 4.02
C ALA A 5 2.31 7.99 3.49
N GLU A 6 3.08 8.87 4.11
CA GLU A 6 4.46 9.10 3.71
C GLU A 6 5.23 7.79 3.62
N ARG A 7 5.23 7.04 4.72
CA ARG A 7 5.92 5.76 4.78
C ARG A 7 5.44 4.83 3.68
N VAL A 8 4.13 4.80 3.47
CA VAL A 8 3.53 3.94 2.44
C VAL A 8 4.00 4.35 1.05
N LYS A 9 3.64 5.56 0.64
CA LYS A 9 4.02 6.07 -0.67
C LYS A 9 5.53 5.98 -0.87
N LYS A 10 6.28 6.13 0.23
CA LYS A 10 7.73 6.07 0.18
C LYS A 10 8.21 4.68 -0.22
N ILE A 11 7.79 3.68 0.54
CA ILE A 11 8.18 2.30 0.26
C ILE A 11 7.69 1.87 -1.13
N VAL A 12 6.55 2.40 -1.54
CA VAL A 12 5.98 2.08 -2.84
C VAL A 12 6.84 2.63 -3.97
N VAL A 13 7.26 3.88 -3.83
CA VAL A 13 8.09 4.53 -4.84
C VAL A 13 9.49 3.93 -4.86
N GLU A 14 9.95 3.48 -3.70
CA GLU A 14 11.28 2.89 -3.59
C GLU A 14 11.26 1.43 -4.03
N HIS A 15 10.10 0.80 -3.94
CA HIS A 15 9.95 -0.60 -4.33
C HIS A 15 9.62 -0.71 -5.82
N LEU A 16 8.56 -0.02 -6.24
CA LEU A 16 8.14 -0.05 -7.63
C LEU A 16 9.07 0.80 -8.50
N GLY A 17 9.63 1.85 -7.90
CA GLY A 17 10.54 2.71 -8.62
C GLY A 17 9.81 3.64 -9.59
N VAL A 18 8.60 4.05 -9.21
CA VAL A 18 7.80 4.93 -10.05
C VAL A 18 7.74 6.34 -9.45
N ASP A 19 7.00 7.22 -10.11
CA ASP A 19 6.87 8.60 -9.66
C ASP A 19 5.87 8.69 -8.50
N ALA A 20 6.20 9.53 -7.52
CA ALA A 20 5.33 9.71 -6.36
C ALA A 20 4.08 10.48 -6.72
N ASP A 21 4.19 11.35 -7.72
CA ASP A 21 3.07 12.15 -8.17
C ASP A 21 1.87 11.27 -8.53
N LYS A 22 2.17 10.03 -8.93
CA LYS A 22 1.13 9.08 -9.31
C LYS A 22 0.55 8.39 -8.08
N VAL A 23 1.35 8.31 -7.03
CA VAL A 23 0.92 7.67 -5.79
C VAL A 23 -0.08 8.54 -5.05
N THR A 24 -1.34 8.49 -5.49
CA THR A 24 -2.41 9.28 -4.86
C THR A 24 -3.49 8.38 -4.29
N GLU A 25 -4.37 8.97 -3.48
CA GLU A 25 -5.46 8.22 -2.87
C GLU A 25 -6.26 7.46 -3.92
N GLY A 26 -6.34 8.03 -5.12
CA GLY A 26 -7.08 7.39 -6.19
C GLY A 26 -6.18 6.64 -7.15
N ALA A 27 -5.07 6.11 -6.62
CA ALA A 27 -4.13 5.36 -7.43
C ALA A 27 -4.25 3.86 -7.19
N SER A 28 -4.77 3.14 -8.18
CA SER A 28 -4.94 1.70 -8.06
C SER A 28 -3.71 0.96 -8.58
N PHE A 29 -3.05 0.23 -7.69
CA PHE A 29 -1.86 -0.52 -8.05
C PHE A 29 -2.19 -1.60 -9.08
N ILE A 30 -3.48 -1.87 -9.26
CA ILE A 30 -3.93 -2.87 -10.21
C ILE A 30 -4.02 -2.29 -11.62
N ASP A 31 -4.74 -1.19 -11.75
CA ASP A 31 -4.91 -0.54 -13.05
C ASP A 31 -3.89 0.59 -13.22
N ASP A 32 -3.95 1.58 -12.34
CA ASP A 32 -3.03 2.70 -12.40
C ASP A 32 -1.60 2.24 -12.69
N LEU A 33 -1.20 1.15 -12.04
CA LEU A 33 0.13 0.59 -12.23
C LEU A 33 0.10 -0.60 -13.18
N GLY A 34 -1.09 -1.15 -13.39
CA GLY A 34 -1.23 -2.29 -14.27
C GLY A 34 -0.70 -3.57 -13.66
N ALA A 35 -0.84 -3.70 -12.35
CA ALA A 35 -0.36 -4.89 -11.65
C ALA A 35 -1.50 -5.86 -11.36
N ASP A 36 -1.15 -7.04 -10.88
CA ASP A 36 -2.15 -8.06 -10.56
C ASP A 36 -2.29 -8.23 -9.05
N SER A 37 -3.23 -9.08 -8.65
CA SER A 37 -3.48 -9.33 -7.23
C SER A 37 -2.18 -9.70 -6.51
N LEU A 38 -1.35 -10.50 -7.18
CA LEU A 38 -0.08 -10.92 -6.61
C LEU A 38 0.73 -9.73 -6.12
N ASP A 39 0.90 -8.74 -6.99
CA ASP A 39 1.66 -7.54 -6.65
C ASP A 39 1.13 -6.92 -5.35
N THR A 40 -0.18 -6.72 -5.30
CA THR A 40 -0.81 -6.12 -4.12
C THR A 40 -0.50 -6.94 -2.87
N VAL A 41 -0.67 -8.25 -2.97
CA VAL A 41 -0.41 -9.14 -1.85
C VAL A 41 1.01 -8.95 -1.30
N GLU A 42 1.98 -9.00 -2.20
CA GLU A 42 3.38 -8.82 -1.81
C GLU A 42 3.58 -7.49 -1.10
N LEU A 43 3.14 -6.41 -1.74
CA LEU A 43 3.28 -5.08 -1.16
C LEU A 43 2.70 -5.03 0.24
N VAL A 44 1.47 -5.51 0.39
CA VAL A 44 0.79 -5.52 1.69
C VAL A 44 1.65 -6.22 2.74
N MET A 45 2.08 -7.45 2.42
CA MET A 45 2.91 -8.22 3.34
C MET A 45 4.15 -7.44 3.76
N ALA A 46 4.77 -6.77 2.79
CA ALA A 46 5.97 -5.98 3.07
C ALA A 46 5.68 -4.89 4.08
N PHE A 47 4.66 -4.07 3.81
CA PHE A 47 4.29 -2.98 4.70
C PHE A 47 4.01 -3.51 6.10
N GLU A 48 3.32 -4.64 6.19
CA GLU A 48 2.98 -5.24 7.47
C GLU A 48 4.25 -5.72 8.19
N GLU A 49 5.21 -6.22 7.41
CA GLU A 49 6.46 -6.71 7.97
C GLU A 49 7.36 -5.56 8.42
N GLU A 50 7.19 -4.41 7.77
CA GLU A 50 7.98 -3.23 8.10
C GLU A 50 7.37 -2.46 9.26
N PHE A 51 6.05 -2.34 9.24
CA PHE A 51 5.33 -1.63 10.30
C PHE A 51 5.15 -2.51 11.53
N GLY A 52 5.17 -3.82 11.31
CA GLY A 52 5.00 -4.77 12.40
C GLY A 52 3.55 -4.91 12.82
N VAL A 53 2.66 -5.10 11.85
CA VAL A 53 1.24 -5.25 12.13
C VAL A 53 0.72 -6.61 11.65
N GLU A 54 -0.44 -6.99 12.15
CA GLU A 54 -1.05 -8.27 11.77
C GLU A 54 -2.45 -8.07 11.21
N ILE A 55 -2.60 -8.31 9.91
CA ILE A 55 -3.89 -8.15 9.25
C ILE A 55 -4.29 -9.42 8.51
N PRO A 56 -5.61 -9.60 8.30
CA PRO A 56 -6.15 -10.76 7.61
C PRO A 56 -5.81 -10.77 6.11
N ASP A 57 -5.64 -11.95 5.55
CA ASP A 57 -5.32 -12.09 4.13
C ASP A 57 -6.30 -11.30 3.28
N ASP A 58 -7.58 -11.33 3.66
CA ASP A 58 -8.62 -10.63 2.92
C ASP A 58 -8.25 -9.16 2.74
N ALA A 59 -7.48 -8.62 3.68
CA ALA A 59 -7.05 -7.23 3.62
C ALA A 59 -6.35 -6.93 2.30
N ALA A 60 -5.34 -7.72 1.98
CA ALA A 60 -4.58 -7.53 0.76
C ALA A 60 -5.50 -7.53 -0.46
N GLU A 61 -6.64 -8.21 -0.34
CA GLU A 61 -7.61 -8.29 -1.43
C GLU A 61 -8.55 -7.10 -1.40
N THR A 62 -8.74 -6.52 -0.22
CA THR A 62 -9.61 -5.37 -0.05
C THR A 62 -8.91 -4.08 -0.47
N ILE A 63 -7.59 -4.12 -0.51
CA ILE A 63 -6.80 -2.95 -0.89
C ILE A 63 -6.66 -2.84 -2.41
N LEU A 64 -7.33 -1.85 -2.98
CA LEU A 64 -7.28 -1.64 -4.43
C LEU A 64 -6.49 -0.37 -4.76
N THR A 65 -6.72 0.68 -3.98
CA THR A 65 -6.03 1.95 -4.19
C THR A 65 -5.10 2.28 -3.02
N VAL A 66 -4.24 3.27 -3.23
CA VAL A 66 -3.31 3.69 -2.19
C VAL A 66 -4.03 4.00 -0.88
N GLY A 67 -5.20 4.61 -1.00
CA GLY A 67 -5.98 4.94 0.18
C GLY A 67 -6.18 3.76 1.11
N ASP A 68 -6.67 2.66 0.54
CA ASP A 68 -6.91 1.45 1.33
C ASP A 68 -5.64 0.98 2.01
N ALA A 69 -4.59 0.77 1.23
CA ALA A 69 -3.31 0.33 1.76
C ALA A 69 -2.85 1.21 2.91
N VAL A 70 -2.91 2.53 2.70
CA VAL A 70 -2.50 3.48 3.73
C VAL A 70 -3.38 3.36 4.96
N LYS A 71 -4.69 3.53 4.77
CA LYS A 71 -5.64 3.44 5.87
C LYS A 71 -5.43 2.15 6.67
N PHE A 72 -5.07 1.09 5.97
CA PHE A 72 -4.85 -0.21 6.60
C PHE A 72 -3.60 -0.17 7.49
N ILE A 73 -2.45 0.11 6.88
CA ILE A 73 -1.20 0.18 7.61
C ILE A 73 -1.28 1.20 8.75
N ASP A 74 -2.14 2.19 8.58
CA ASP A 74 -2.31 3.22 9.60
C ASP A 74 -3.14 2.70 10.76
N LYS A 75 -4.37 2.29 10.47
CA LYS A 75 -5.27 1.77 11.51
C LYS A 75 -4.65 0.58 12.22
N ALA A 76 -3.81 -0.16 11.50
CA ALA A 76 -3.13 -1.33 12.07
C ALA A 76 -1.94 -0.91 12.91
N SER A 77 -1.37 0.26 12.61
CA SER A 77 -0.22 0.76 13.34
C SER A 77 -0.53 0.91 14.83
N ALA A 78 -1.78 1.23 15.13
CA ALA A 78 -2.22 1.39 16.51
C ALA A 78 -3.20 0.30 16.91
N MET A 1 0.75 16.81 5.65
CA MET A 1 0.63 16.46 7.06
C MET A 1 0.14 15.02 7.22
N SER A 2 1.06 14.07 7.03
CA SER A 2 0.74 12.66 7.14
C SER A 2 2.00 11.83 7.37
N ASP A 3 1.94 10.92 8.35
CA ASP A 3 3.08 10.07 8.66
C ASP A 3 2.92 8.70 8.02
N THR A 4 1.72 8.14 8.11
CA THR A 4 1.45 6.82 7.54
C THR A 4 1.48 6.87 6.02
N ALA A 5 0.71 7.79 5.43
CA ALA A 5 0.67 7.95 3.99
C ALA A 5 2.07 8.07 3.40
N GLU A 6 2.85 9.02 3.93
CA GLU A 6 4.21 9.24 3.46
C GLU A 6 4.99 7.93 3.44
N ARG A 7 4.96 7.21 4.56
CA ARG A 7 5.67 5.94 4.67
C ARG A 7 5.26 4.98 3.56
N VAL A 8 3.96 4.87 3.35
CA VAL A 8 3.43 3.98 2.32
C VAL A 8 3.92 4.39 0.93
N LYS A 9 3.52 5.58 0.49
CA LYS A 9 3.92 6.08 -0.80
C LYS A 9 5.44 6.04 -0.97
N LYS A 10 6.16 6.16 0.16
CA LYS A 10 7.61 6.14 0.14
C LYS A 10 8.12 4.75 -0.25
N ILE A 11 7.72 3.74 0.50
CA ILE A 11 8.14 2.36 0.22
C ILE A 11 7.66 1.92 -1.16
N VAL A 12 6.54 2.48 -1.60
CA VAL A 12 5.98 2.13 -2.90
C VAL A 12 6.82 2.69 -4.02
N VAL A 13 7.19 3.97 -3.91
CA VAL A 13 7.99 4.63 -4.93
C VAL A 13 9.42 4.09 -4.92
N GLU A 14 9.88 3.67 -3.74
CA GLU A 14 11.23 3.14 -3.59
C GLU A 14 11.29 1.68 -4.05
N HIS A 15 10.16 0.99 -3.99
CA HIS A 15 10.09 -0.41 -4.39
C HIS A 15 9.76 -0.53 -5.88
N LEU A 16 8.67 0.11 -6.29
CA LEU A 16 8.24 0.06 -7.68
C LEU A 16 9.12 0.96 -8.54
N GLY A 17 9.73 1.97 -7.92
CA GLY A 17 10.59 2.88 -8.65
C GLY A 17 9.82 3.75 -9.63
N VAL A 18 8.60 4.12 -9.26
CA VAL A 18 7.76 4.95 -10.11
C VAL A 18 7.66 6.37 -9.57
N ASP A 19 6.82 7.18 -10.20
CA ASP A 19 6.63 8.57 -9.78
C ASP A 19 5.67 8.65 -8.59
N ALA A 20 5.97 9.55 -7.67
CA ALA A 20 5.14 9.73 -6.48
C ALA A 20 3.87 10.49 -6.82
N ASP A 21 3.95 11.39 -7.80
CA ASP A 21 2.80 12.18 -8.21
C ASP A 21 1.63 11.28 -8.59
N LYS A 22 1.94 10.05 -9.01
CA LYS A 22 0.91 9.10 -9.41
C LYS A 22 0.35 8.37 -8.19
N VAL A 23 1.15 8.29 -7.14
CA VAL A 23 0.73 7.64 -5.91
C VAL A 23 -0.31 8.47 -5.16
N THR A 24 -1.56 8.37 -5.60
CA THR A 24 -2.65 9.12 -4.98
C THR A 24 -3.71 8.18 -4.41
N GLU A 25 -4.59 8.72 -3.60
CA GLU A 25 -5.66 7.93 -2.99
C GLU A 25 -6.44 7.16 -4.05
N GLY A 26 -6.50 7.72 -5.25
CA GLY A 26 -7.22 7.08 -6.34
C GLY A 26 -6.30 6.33 -7.28
N ALA A 27 -5.18 5.85 -6.76
CA ALA A 27 -4.22 5.10 -7.56
C ALA A 27 -4.31 3.60 -7.29
N SER A 28 -4.82 2.86 -8.27
CA SER A 28 -4.97 1.42 -8.14
C SER A 28 -3.72 0.69 -8.64
N PHE A 29 -3.05 -0.01 -7.74
CA PHE A 29 -1.84 -0.74 -8.10
C PHE A 29 -2.15 -1.84 -9.11
N ILE A 30 -3.43 -2.12 -9.29
CA ILE A 30 -3.86 -3.15 -10.24
C ILE A 30 -3.96 -2.58 -11.65
N ASP A 31 -4.70 -1.50 -11.80
CA ASP A 31 -4.88 -0.86 -13.10
C ASP A 31 -3.88 0.28 -13.29
N ASP A 32 -3.95 1.27 -12.42
CA ASP A 32 -3.05 2.41 -12.48
C ASP A 32 -1.63 1.96 -12.77
N LEU A 33 -1.20 0.90 -12.10
CA LEU A 33 0.14 0.37 -12.28
C LEU A 33 0.13 -0.84 -13.22
N GLY A 34 -1.05 -1.41 -13.43
CA GLY A 34 -1.17 -2.56 -14.30
C GLY A 34 -0.62 -3.83 -13.67
N ALA A 35 -0.75 -3.94 -12.36
CA ALA A 35 -0.26 -5.11 -11.64
C ALA A 35 -1.38 -6.08 -11.33
N ASP A 36 -1.03 -7.28 -10.87
CA ASP A 36 -2.01 -8.29 -10.54
C ASP A 36 -2.15 -8.43 -9.02
N SER A 37 -3.03 -9.34 -8.60
CA SER A 37 -3.27 -9.57 -7.18
C SER A 37 -1.97 -9.91 -6.45
N LEU A 38 -1.08 -10.59 -7.15
CA LEU A 38 0.21 -10.97 -6.58
C LEU A 38 0.99 -9.75 -6.12
N ASP A 39 1.17 -8.80 -7.01
CA ASP A 39 1.91 -7.57 -6.69
C ASP A 39 1.33 -6.91 -5.44
N THR A 40 0.02 -6.68 -5.45
CA THR A 40 -0.65 -6.06 -4.31
C THR A 40 -0.33 -6.79 -3.01
N VAL A 41 -0.56 -8.11 -3.01
CA VAL A 41 -0.30 -8.93 -1.84
C VAL A 41 1.12 -8.72 -1.33
N GLU A 42 2.08 -8.71 -2.26
CA GLU A 42 3.48 -8.52 -1.89
C GLU A 42 3.68 -7.19 -1.18
N LEU A 43 3.25 -6.11 -1.81
CA LEU A 43 3.39 -4.78 -1.24
C LEU A 43 2.78 -4.72 0.15
N VAL A 44 1.51 -5.12 0.26
CA VAL A 44 0.80 -5.12 1.53
C VAL A 44 1.60 -5.84 2.60
N MET A 45 2.09 -7.04 2.26
CA MET A 45 2.88 -7.83 3.19
C MET A 45 4.12 -7.06 3.65
N ALA A 46 4.78 -6.41 2.72
CA ALA A 46 5.99 -5.65 3.03
C ALA A 46 5.68 -4.54 4.05
N PHE A 47 4.67 -3.73 3.75
CA PHE A 47 4.29 -2.65 4.64
C PHE A 47 3.95 -3.18 6.03
N GLU A 48 3.19 -4.27 6.07
CA GLU A 48 2.79 -4.87 7.34
C GLU A 48 4.01 -5.32 8.13
N GLU A 49 4.99 -5.89 7.44
CA GLU A 49 6.21 -6.37 8.08
C GLU A 49 7.08 -5.20 8.54
N GLU A 50 6.99 -4.08 7.80
CA GLU A 50 7.77 -2.89 8.14
C GLU A 50 7.14 -2.14 9.31
N PHE A 51 5.81 -2.12 9.35
CA PHE A 51 5.09 -1.44 10.42
C PHE A 51 4.96 -2.33 11.65
N GLY A 52 5.02 -3.64 11.43
CA GLY A 52 4.90 -4.59 12.53
C GLY A 52 3.46 -4.96 12.82
N VAL A 53 2.61 -4.84 11.80
CA VAL A 53 1.19 -5.17 11.96
C VAL A 53 0.86 -6.48 11.25
N GLU A 54 -0.08 -7.24 11.82
CA GLU A 54 -0.49 -8.50 11.23
C GLU A 54 -1.95 -8.46 10.83
N ILE A 55 -2.21 -8.70 9.55
CA ILE A 55 -3.58 -8.69 9.02
C ILE A 55 -3.89 -9.99 8.29
N PRO A 56 -5.19 -10.32 8.21
CA PRO A 56 -5.65 -11.53 7.52
C PRO A 56 -5.48 -11.44 6.01
N ASP A 57 -5.45 -12.60 5.35
CA ASP A 57 -5.28 -12.67 3.91
C ASP A 57 -6.56 -12.19 3.20
N ASP A 58 -7.69 -12.31 3.89
CA ASP A 58 -8.97 -11.90 3.32
C ASP A 58 -9.04 -10.39 3.19
N ALA A 59 -8.65 -9.69 4.24
CA ALA A 59 -8.67 -8.23 4.24
C ALA A 59 -7.80 -7.67 3.11
N ALA A 60 -6.70 -8.35 2.82
CA ALA A 60 -5.79 -7.93 1.77
C ALA A 60 -6.52 -7.79 0.44
N GLU A 61 -7.62 -8.53 0.29
CA GLU A 61 -8.41 -8.49 -0.94
C GLU A 61 -9.00 -7.10 -1.16
N THR A 62 -9.16 -6.34 -0.08
CA THR A 62 -9.72 -5.00 -0.15
C THR A 62 -8.68 -4.00 -0.65
N ILE A 63 -7.41 -4.39 -0.56
CA ILE A 63 -6.32 -3.53 -1.01
C ILE A 63 -6.36 -3.31 -2.51
N LEU A 64 -7.05 -2.26 -2.93
CA LEU A 64 -7.17 -1.94 -4.36
C LEU A 64 -6.38 -0.68 -4.70
N THR A 65 -6.74 0.43 -4.04
CA THR A 65 -6.07 1.70 -4.28
C THR A 65 -5.16 2.07 -3.10
N VAL A 66 -4.29 3.04 -3.32
CA VAL A 66 -3.37 3.50 -2.29
C VAL A 66 -4.11 3.82 -1.00
N GLY A 67 -5.24 4.51 -1.14
CA GLY A 67 -6.03 4.88 0.02
C GLY A 67 -6.33 3.69 0.91
N ASP A 68 -6.71 2.57 0.31
CA ASP A 68 -7.04 1.37 1.05
C ASP A 68 -5.82 0.87 1.83
N ALA A 69 -4.72 0.64 1.13
CA ALA A 69 -3.49 0.17 1.76
C ALA A 69 -3.06 1.09 2.89
N VAL A 70 -2.89 2.37 2.57
CA VAL A 70 -2.48 3.36 3.55
C VAL A 70 -3.42 3.36 4.75
N LYS A 71 -4.71 3.55 4.49
CA LYS A 71 -5.71 3.57 5.54
C LYS A 71 -5.61 2.32 6.42
N PHE A 72 -5.28 1.20 5.79
CA PHE A 72 -5.14 -0.06 6.52
C PHE A 72 -3.97 -0.01 7.49
N ILE A 73 -2.78 0.22 6.96
CA ILE A 73 -1.57 0.30 7.78
C ILE A 73 -1.76 1.28 8.94
N ASP A 74 -2.47 2.38 8.66
CA ASP A 74 -2.71 3.40 9.68
C ASP A 74 -3.70 2.89 10.72
N LYS A 75 -4.73 2.17 10.26
CA LYS A 75 -5.75 1.64 11.15
C LYS A 75 -5.19 0.48 11.98
N ALA A 76 -4.17 -0.18 11.45
CA ALA A 76 -3.54 -1.30 12.14
C ALA A 76 -2.40 -0.83 13.03
N SER A 77 -1.82 0.32 12.68
CA SER A 77 -0.71 0.88 13.44
C SER A 77 -1.11 1.12 14.88
N ALA A 78 -2.40 1.35 15.11
CA ALA A 78 -2.92 1.60 16.44
C ALA A 78 -3.15 0.30 17.19
N MET A 1 2.70 16.48 6.63
CA MET A 1 1.87 16.45 7.84
C MET A 1 1.52 15.01 8.21
N SER A 2 1.50 14.13 7.22
CA SER A 2 1.17 12.73 7.44
C SER A 2 2.44 11.88 7.52
N ASP A 3 2.44 10.89 8.41
CA ASP A 3 3.58 10.01 8.57
C ASP A 3 3.32 8.65 7.94
N THR A 4 2.06 8.19 8.02
CA THR A 4 1.68 6.91 7.45
C THR A 4 1.69 6.95 5.93
N ALA A 5 0.93 7.90 5.37
CA ALA A 5 0.84 8.06 3.92
C ALA A 5 2.22 8.13 3.30
N GLU A 6 3.04 9.07 3.78
CA GLU A 6 4.39 9.25 3.26
C GLU A 6 5.16 7.93 3.26
N ARG A 7 5.10 7.23 4.39
CA ARG A 7 5.79 5.95 4.53
C ARG A 7 5.36 4.98 3.44
N VAL A 8 4.04 4.89 3.21
CA VAL A 8 3.49 4.00 2.20
C VAL A 8 4.00 4.37 0.82
N LYS A 9 3.64 5.56 0.35
CA LYS A 9 4.06 6.03 -0.96
C LYS A 9 5.57 5.95 -1.11
N LYS A 10 6.28 6.08 0.01
CA LYS A 10 7.74 6.02 0.01
C LYS A 10 8.22 4.62 -0.35
N ILE A 11 7.79 3.63 0.43
CA ILE A 11 8.18 2.24 0.19
C ILE A 11 7.71 1.77 -1.18
N VAL A 12 6.59 2.33 -1.65
CA VAL A 12 6.04 1.97 -2.95
C VAL A 12 6.91 2.49 -4.07
N VAL A 13 7.29 3.76 -4.00
CA VAL A 13 8.13 4.37 -5.01
C VAL A 13 9.55 3.82 -4.98
N GLU A 14 9.97 3.40 -3.79
CA GLU A 14 11.31 2.84 -3.62
C GLU A 14 11.35 1.38 -4.04
N HIS A 15 10.20 0.72 -3.99
CA HIS A 15 10.10 -0.69 -4.37
C HIS A 15 9.79 -0.84 -5.85
N LEU A 16 8.71 -0.19 -6.28
CA LEU A 16 8.31 -0.24 -7.69
C LEU A 16 9.22 0.61 -8.55
N GLY A 17 9.80 1.65 -7.96
CA GLY A 17 10.69 2.53 -8.69
C GLY A 17 9.96 3.40 -9.69
N VAL A 18 8.73 3.77 -9.36
CA VAL A 18 7.91 4.61 -10.23
C VAL A 18 7.80 6.03 -9.69
N ASP A 19 7.00 6.85 -10.37
CA ASP A 19 6.80 8.24 -9.95
C ASP A 19 5.90 8.31 -8.72
N ALA A 20 6.20 9.25 -7.83
CA ALA A 20 5.41 9.43 -6.61
C ALA A 20 4.11 10.17 -6.91
N ASP A 21 4.16 11.06 -7.89
CA ASP A 21 2.97 11.83 -8.27
C ASP A 21 1.80 10.91 -8.60
N LYS A 22 2.12 9.75 -9.17
CA LYS A 22 1.09 8.78 -9.53
C LYS A 22 0.48 8.14 -8.30
N VAL A 23 1.23 8.13 -7.19
CA VAL A 23 0.76 7.56 -5.94
C VAL A 23 -0.27 8.46 -5.28
N THR A 24 -1.48 8.47 -5.83
CA THR A 24 -2.57 9.29 -5.29
C THR A 24 -3.58 8.44 -4.53
N GLU A 25 -4.40 9.09 -3.72
CA GLU A 25 -5.43 8.39 -2.94
C GLU A 25 -6.27 7.49 -3.84
N GLY A 26 -6.51 7.94 -5.06
CA GLY A 26 -7.31 7.17 -6.00
C GLY A 26 -6.45 6.42 -7.01
N ALA A 27 -5.26 6.00 -6.59
CA ALA A 27 -4.35 5.28 -7.46
C ALA A 27 -4.41 3.78 -7.19
N SER A 28 -4.96 3.04 -8.13
CA SER A 28 -5.08 1.59 -8.00
C SER A 28 -3.84 0.89 -8.56
N PHE A 29 -3.12 0.19 -7.69
CA PHE A 29 -1.92 -0.53 -8.10
C PHE A 29 -2.25 -1.62 -9.11
N ILE A 30 -3.54 -1.93 -9.24
CA ILE A 30 -3.99 -2.95 -10.16
C ILE A 30 -4.17 -2.38 -11.57
N ASP A 31 -4.93 -1.31 -11.68
CA ASP A 31 -5.18 -0.66 -12.96
C ASP A 31 -4.20 0.49 -13.18
N ASP A 32 -4.25 1.48 -12.30
CA ASP A 32 -3.37 2.64 -12.41
C ASP A 32 -1.95 2.22 -12.75
N LEU A 33 -1.48 1.16 -12.11
CA LEU A 33 -0.14 0.64 -12.36
C LEU A 33 -0.17 -0.56 -13.30
N GLY A 34 -1.36 -1.14 -13.46
CA GLY A 34 -1.50 -2.29 -14.33
C GLY A 34 -0.89 -3.55 -13.74
N ALA A 35 -0.97 -3.68 -12.43
CA ALA A 35 -0.43 -4.84 -11.74
C ALA A 35 -1.52 -5.84 -11.39
N ASP A 36 -1.13 -7.03 -10.94
CA ASP A 36 -2.07 -8.06 -10.57
C ASP A 36 -2.13 -8.24 -9.06
N SER A 37 -3.01 -9.12 -8.61
CA SER A 37 -3.17 -9.38 -7.18
C SER A 37 -1.82 -9.70 -6.53
N LEU A 38 -0.92 -10.28 -7.31
CA LEU A 38 0.40 -10.64 -6.81
C LEU A 38 1.11 -9.42 -6.22
N ASP A 39 1.28 -8.39 -7.04
CA ASP A 39 1.94 -7.17 -6.59
C ASP A 39 1.29 -6.62 -5.33
N THR A 40 -0.04 -6.60 -5.32
CA THR A 40 -0.80 -6.11 -4.17
C THR A 40 -0.45 -6.88 -2.91
N VAL A 41 -0.52 -8.21 -3.00
CA VAL A 41 -0.21 -9.07 -1.86
C VAL A 41 1.19 -8.79 -1.32
N GLU A 42 2.18 -8.83 -2.21
CA GLU A 42 3.55 -8.58 -1.81
C GLU A 42 3.68 -7.25 -1.06
N LEU A 43 3.12 -6.19 -1.64
CA LEU A 43 3.17 -4.87 -1.03
C LEU A 43 2.55 -4.91 0.37
N VAL A 44 1.35 -5.46 0.46
CA VAL A 44 0.64 -5.56 1.74
C VAL A 44 1.54 -6.19 2.80
N MET A 45 2.12 -7.33 2.48
CA MET A 45 2.99 -8.04 3.41
C MET A 45 4.16 -7.16 3.84
N ALA A 46 4.79 -6.51 2.86
CA ALA A 46 5.93 -5.64 3.13
C ALA A 46 5.58 -4.59 4.18
N PHE A 47 4.51 -3.83 3.92
CA PHE A 47 4.07 -2.80 4.84
C PHE A 47 3.69 -3.39 6.19
N GLU A 48 3.11 -4.59 6.16
CA GLU A 48 2.69 -5.27 7.38
C GLU A 48 3.88 -5.50 8.30
N GLU A 49 4.95 -6.05 7.76
CA GLU A 49 6.15 -6.33 8.54
C GLU A 49 6.92 -5.04 8.83
N GLU A 50 6.75 -4.05 7.95
CA GLU A 50 7.43 -2.77 8.11
C GLU A 50 6.91 -2.04 9.35
N PHE A 51 5.59 -1.96 9.49
CA PHE A 51 4.99 -1.29 10.62
C PHE A 51 4.81 -2.25 11.80
N GLY A 52 4.75 -3.54 11.50
CA GLY A 52 4.59 -4.54 12.54
C GLY A 52 3.13 -4.77 12.90
N VAL A 53 2.31 -5.08 11.90
CA VAL A 53 0.89 -5.33 12.12
C VAL A 53 0.51 -6.74 11.71
N GLU A 54 -0.71 -7.14 12.05
CA GLU A 54 -1.21 -8.46 11.71
C GLU A 54 -2.62 -8.40 11.14
N ILE A 55 -2.73 -8.61 9.83
CA ILE A 55 -4.04 -8.57 9.16
C ILE A 55 -4.28 -9.85 8.38
N PRO A 56 -5.56 -10.17 8.14
CA PRO A 56 -5.96 -11.36 7.39
C PRO A 56 -5.63 -11.25 5.91
N ASP A 57 -5.57 -12.40 5.24
CA ASP A 57 -5.25 -12.44 3.81
C ASP A 57 -6.43 -11.93 2.98
N ASP A 58 -7.63 -12.03 3.54
CA ASP A 58 -8.83 -11.57 2.86
C ASP A 58 -8.86 -10.05 2.75
N ALA A 59 -8.63 -9.39 3.88
CA ALA A 59 -8.63 -7.93 3.92
C ALA A 59 -7.63 -7.36 2.93
N ALA A 60 -6.62 -8.14 2.60
CA ALA A 60 -5.58 -7.72 1.65
C ALA A 60 -6.16 -7.56 0.25
N GLU A 61 -7.25 -8.28 -0.03
CA GLU A 61 -7.89 -8.23 -1.33
C GLU A 61 -8.63 -6.91 -1.52
N THR A 62 -9.03 -6.30 -0.41
CA THR A 62 -9.75 -5.03 -0.44
C THR A 62 -8.81 -3.86 -0.72
N ILE A 63 -7.52 -4.09 -0.49
CA ILE A 63 -6.51 -3.06 -0.72
C ILE A 63 -6.18 -2.92 -2.20
N LEU A 64 -6.87 -2.01 -2.88
CA LEU A 64 -6.65 -1.78 -4.30
C LEU A 64 -5.99 -0.43 -4.53
N THR A 65 -6.61 0.62 -4.01
CA THR A 65 -6.09 1.97 -4.16
C THR A 65 -5.13 2.33 -3.03
N VAL A 66 -4.24 3.29 -3.28
CA VAL A 66 -3.28 3.72 -2.28
C VAL A 66 -3.97 4.06 -0.97
N GLY A 67 -5.04 4.84 -1.05
CA GLY A 67 -5.77 5.23 0.14
C GLY A 67 -6.16 4.04 1.00
N ASP A 68 -6.43 2.91 0.35
CA ASP A 68 -6.81 1.70 1.06
C ASP A 68 -5.65 1.14 1.86
N ALA A 69 -4.54 0.89 1.18
CA ALA A 69 -3.34 0.35 1.83
C ALA A 69 -2.88 1.26 2.97
N VAL A 70 -2.79 2.56 2.68
CA VAL A 70 -2.36 3.52 3.68
C VAL A 70 -3.31 3.54 4.87
N LYS A 71 -4.60 3.73 4.60
CA LYS A 71 -5.60 3.74 5.66
C LYS A 71 -5.55 2.48 6.50
N PHE A 72 -5.23 1.36 5.86
CA PHE A 72 -5.13 0.08 6.56
C PHE A 72 -3.97 0.08 7.53
N ILE A 73 -2.77 0.34 7.02
CA ILE A 73 -1.57 0.37 7.85
C ILE A 73 -1.74 1.31 9.03
N ASP A 74 -2.37 2.45 8.78
CA ASP A 74 -2.60 3.45 9.82
C ASP A 74 -3.62 2.95 10.84
N LYS A 75 -4.66 2.29 10.35
CA LYS A 75 -5.71 1.76 11.21
C LYS A 75 -5.15 0.68 12.14
N ALA A 76 -4.40 -0.26 11.56
CA ALA A 76 -3.81 -1.35 12.32
C ALA A 76 -2.64 -0.85 13.17
N SER A 77 -2.02 0.24 12.72
CA SER A 77 -0.88 0.82 13.44
C SER A 77 -1.28 1.20 14.86
N ALA A 78 -2.51 1.67 15.02
CA ALA A 78 -3.01 2.06 16.33
C ALA A 78 -3.29 0.85 17.22
N MET A 1 0.09 16.56 5.03
CA MET A 1 0.20 16.50 6.48
C MET A 1 -0.15 15.11 7.00
N SER A 2 0.69 14.14 6.67
CA SER A 2 0.46 12.76 7.10
C SER A 2 1.80 12.03 7.28
N ASP A 3 1.84 11.14 8.26
CA ASP A 3 3.05 10.37 8.55
C ASP A 3 2.98 8.99 7.89
N THR A 4 1.81 8.36 7.96
CA THR A 4 1.61 7.05 7.37
C THR A 4 1.66 7.10 5.85
N ALA A 5 0.95 8.06 5.28
CA ALA A 5 0.92 8.22 3.83
C ALA A 5 2.33 8.29 3.26
N GLU A 6 3.14 9.19 3.79
CA GLU A 6 4.51 9.35 3.33
C GLU A 6 5.25 8.02 3.33
N ARG A 7 5.17 7.30 4.44
CA ARG A 7 5.82 5.99 4.55
C ARG A 7 5.37 5.06 3.44
N VAL A 8 4.07 5.02 3.19
CA VAL A 8 3.51 4.17 2.15
C VAL A 8 4.07 4.53 0.78
N LYS A 9 3.77 5.75 0.33
CA LYS A 9 4.24 6.23 -0.96
C LYS A 9 5.76 6.06 -1.08
N LYS A 10 6.45 6.11 0.05
CA LYS A 10 7.90 5.97 0.07
C LYS A 10 8.31 4.54 -0.30
N ILE A 11 7.77 3.57 0.44
CA ILE A 11 8.07 2.17 0.19
C ILE A 11 7.58 1.74 -1.18
N VAL A 12 6.55 2.41 -1.68
CA VAL A 12 5.99 2.10 -2.98
C VAL A 12 6.89 2.60 -4.11
N VAL A 13 7.32 3.85 -4.01
CA VAL A 13 8.18 4.46 -5.01
C VAL A 13 9.57 3.84 -4.96
N GLU A 14 9.98 3.40 -3.78
CA GLU A 14 11.30 2.80 -3.60
C GLU A 14 11.30 1.34 -4.04
N HIS A 15 10.11 0.72 -4.00
CA HIS A 15 9.98 -0.68 -4.39
C HIS A 15 9.66 -0.79 -5.88
N LEU A 16 8.61 -0.11 -6.32
CA LEU A 16 8.20 -0.14 -7.72
C LEU A 16 9.15 0.69 -8.57
N GLY A 17 9.76 1.70 -7.96
CA GLY A 17 10.69 2.55 -8.68
C GLY A 17 9.99 3.45 -9.68
N VAL A 18 8.77 3.87 -9.34
CA VAL A 18 8.00 4.74 -10.21
C VAL A 18 7.95 6.16 -9.67
N ASP A 19 7.15 7.00 -10.32
CA ASP A 19 7.00 8.40 -9.89
C ASP A 19 6.13 8.49 -8.65
N ALA A 20 6.50 9.39 -7.74
CA ALA A 20 5.74 9.58 -6.50
C ALA A 20 4.48 10.40 -6.75
N ASP A 21 4.54 11.30 -7.72
CA ASP A 21 3.41 12.15 -8.06
C ASP A 21 2.18 11.30 -8.38
N LYS A 22 2.41 10.12 -8.96
CA LYS A 22 1.33 9.22 -9.33
C LYS A 22 0.67 8.64 -8.08
N VAL A 23 1.41 8.60 -6.98
CA VAL A 23 0.90 8.08 -5.73
C VAL A 23 -0.29 8.89 -5.24
N THR A 24 -1.50 8.44 -5.56
CA THR A 24 -2.71 9.13 -5.15
C THR A 24 -3.65 8.20 -4.39
N GLU A 25 -4.46 8.78 -3.51
CA GLU A 25 -5.39 8.00 -2.72
C GLU A 25 -6.25 7.10 -3.61
N GLY A 26 -6.56 7.60 -4.80
CA GLY A 26 -7.37 6.83 -5.73
C GLY A 26 -6.54 6.13 -6.78
N ALA A 27 -5.33 5.73 -6.41
CA ALA A 27 -4.43 5.04 -7.34
C ALA A 27 -4.43 3.53 -7.08
N SER A 28 -4.98 2.78 -8.03
CA SER A 28 -5.05 1.32 -7.91
C SER A 28 -3.78 0.68 -8.47
N PHE A 29 -3.03 0.01 -7.60
CA PHE A 29 -1.80 -0.65 -8.02
C PHE A 29 -2.09 -1.75 -9.04
N ILE A 30 -3.36 -2.11 -9.16
CA ILE A 30 -3.78 -3.14 -10.10
C ILE A 30 -3.98 -2.58 -11.50
N ASP A 31 -4.79 -1.53 -11.59
CA ASP A 31 -5.07 -0.88 -12.87
C ASP A 31 -4.15 0.31 -13.09
N ASP A 32 -4.24 1.29 -12.21
CA ASP A 32 -3.41 2.48 -12.30
C ASP A 32 -1.97 2.13 -12.66
N LEU A 33 -1.45 1.07 -12.03
CA LEU A 33 -0.10 0.62 -12.29
C LEU A 33 -0.08 -0.57 -13.24
N GLY A 34 -1.24 -1.20 -13.41
CA GLY A 34 -1.34 -2.35 -14.29
C GLY A 34 -0.66 -3.58 -13.72
N ALA A 35 -0.75 -3.76 -12.41
CA ALA A 35 -0.13 -4.91 -11.75
C ALA A 35 -1.16 -6.00 -11.49
N ASP A 36 -0.68 -7.16 -11.04
CA ASP A 36 -1.56 -8.29 -10.75
C ASP A 36 -1.70 -8.49 -9.25
N SER A 37 -2.54 -9.45 -8.86
CA SER A 37 -2.76 -9.74 -7.44
C SER A 37 -1.45 -9.98 -6.73
N LEU A 38 -0.48 -10.54 -7.44
CA LEU A 38 0.84 -10.81 -6.87
C LEU A 38 1.41 -9.57 -6.21
N ASP A 39 1.55 -8.50 -6.99
CA ASP A 39 2.09 -7.25 -6.49
C ASP A 39 1.31 -6.77 -5.26
N THR A 40 -0.01 -6.88 -5.33
CA THR A 40 -0.87 -6.47 -4.22
C THR A 40 -0.47 -7.16 -2.92
N VAL A 41 -0.55 -8.48 -2.92
CA VAL A 41 -0.19 -9.26 -1.74
C VAL A 41 1.26 -9.02 -1.33
N GLU A 42 2.10 -8.71 -2.32
CA GLU A 42 3.52 -8.46 -2.06
C GLU A 42 3.70 -7.16 -1.28
N LEU A 43 3.16 -6.07 -1.81
CA LEU A 43 3.27 -4.77 -1.16
C LEU A 43 2.63 -4.81 0.23
N VAL A 44 1.47 -5.44 0.33
CA VAL A 44 0.77 -5.54 1.61
C VAL A 44 1.60 -6.31 2.63
N MET A 45 2.09 -7.48 2.24
CA MET A 45 2.90 -8.31 3.12
C MET A 45 4.10 -7.53 3.63
N ALA A 46 4.84 -6.91 2.71
CA ALA A 46 6.01 -6.13 3.07
C ALA A 46 5.67 -5.03 4.07
N PHE A 47 4.60 -4.30 3.78
CA PHE A 47 4.16 -3.21 4.65
C PHE A 47 3.89 -3.73 6.07
N GLU A 48 3.19 -4.85 6.16
CA GLU A 48 2.87 -5.45 7.45
C GLU A 48 4.13 -5.91 8.17
N GLU A 49 5.10 -6.39 7.40
CA GLU A 49 6.36 -6.87 7.96
C GLU A 49 7.25 -5.70 8.36
N GLU A 50 7.03 -4.55 7.72
CA GLU A 50 7.82 -3.36 8.01
C GLU A 50 7.24 -2.60 9.19
N PHE A 51 5.92 -2.41 9.19
CA PHE A 51 5.26 -1.70 10.27
C PHE A 51 5.03 -2.60 11.47
N GLY A 52 5.00 -3.91 11.22
CA GLY A 52 4.80 -4.87 12.30
C GLY A 52 3.35 -4.99 12.70
N VAL A 53 2.49 -5.31 11.73
CA VAL A 53 1.07 -5.45 11.99
C VAL A 53 0.54 -6.76 11.42
N GLU A 54 -0.45 -7.35 12.09
CA GLU A 54 -1.04 -8.60 11.64
C GLU A 54 -2.45 -8.37 11.09
N ILE A 55 -2.64 -8.69 9.82
CA ILE A 55 -3.94 -8.52 9.18
C ILE A 55 -4.41 -9.82 8.53
N PRO A 56 -5.73 -9.95 8.36
CA PRO A 56 -6.34 -11.14 7.75
C PRO A 56 -6.04 -11.25 6.27
N ASP A 57 -6.41 -12.37 5.67
CA ASP A 57 -6.18 -12.61 4.24
C ASP A 57 -7.05 -11.69 3.41
N ASP A 58 -8.31 -11.52 3.81
CA ASP A 58 -9.24 -10.67 3.09
C ASP A 58 -8.68 -9.26 2.95
N ALA A 59 -7.80 -8.88 3.87
CA ALA A 59 -7.20 -7.54 3.84
C ALA A 59 -6.60 -7.25 2.47
N ALA A 60 -5.72 -8.12 2.01
CA ALA A 60 -5.08 -7.95 0.71
C ALA A 60 -6.12 -7.80 -0.40
N GLU A 61 -7.30 -8.35 -0.17
CA GLU A 61 -8.38 -8.27 -1.15
C GLU A 61 -9.12 -6.94 -1.06
N THR A 62 -9.09 -6.34 0.13
CA THR A 62 -9.75 -5.07 0.35
C THR A 62 -8.85 -3.90 -0.03
N ILE A 63 -7.55 -4.16 -0.12
CA ILE A 63 -6.58 -3.13 -0.48
C ILE A 63 -6.40 -3.06 -1.99
N LEU A 64 -7.06 -2.09 -2.61
CA LEU A 64 -6.97 -1.90 -4.05
C LEU A 64 -6.21 -0.62 -4.40
N THR A 65 -6.66 0.49 -3.83
CA THR A 65 -6.02 1.78 -4.07
C THR A 65 -5.06 2.14 -2.94
N VAL A 66 -4.20 3.12 -3.18
CA VAL A 66 -3.23 3.56 -2.19
C VAL A 66 -3.91 3.90 -0.86
N GLY A 67 -4.98 4.67 -0.95
CA GLY A 67 -5.71 5.05 0.25
C GLY A 67 -6.09 3.86 1.10
N ASP A 68 -6.34 2.72 0.46
CA ASP A 68 -6.71 1.51 1.18
C ASP A 68 -5.52 0.96 1.96
N ALA A 69 -4.42 0.70 1.26
CA ALA A 69 -3.22 0.18 1.89
C ALA A 69 -2.75 1.08 3.02
N VAL A 70 -2.74 2.39 2.77
CA VAL A 70 -2.32 3.35 3.78
C VAL A 70 -3.26 3.35 4.98
N LYS A 71 -4.55 3.44 4.70
CA LYS A 71 -5.56 3.46 5.76
C LYS A 71 -5.50 2.18 6.58
N PHE A 72 -5.09 1.08 5.93
CA PHE A 72 -4.98 -0.21 6.60
C PHE A 72 -3.80 -0.23 7.56
N ILE A 73 -2.61 0.08 7.04
CA ILE A 73 -1.41 0.09 7.84
C ILE A 73 -1.54 1.06 9.01
N ASP A 74 -2.21 2.19 8.78
CA ASP A 74 -2.41 3.19 9.81
C ASP A 74 -3.40 2.70 10.86
N LYS A 75 -4.54 2.19 10.40
CA LYS A 75 -5.57 1.68 11.30
C LYS A 75 -5.08 0.46 12.06
N ALA A 76 -4.12 -0.25 11.48
CA ALA A 76 -3.55 -1.43 12.11
C ALA A 76 -2.39 -1.07 13.03
N SER A 77 -1.76 0.06 12.76
CA SER A 77 -0.63 0.51 13.56
C SER A 77 -1.04 0.69 15.02
N ALA A 78 -2.31 1.01 15.24
CA ALA A 78 -2.83 1.20 16.59
C ALA A 78 -4.23 0.60 16.73
N MET A 1 0.76 16.92 6.52
CA MET A 1 0.17 16.26 7.69
C MET A 1 -0.05 14.77 7.42
N SER A 2 0.93 14.15 6.77
CA SER A 2 0.83 12.73 6.45
C SER A 2 2.02 11.96 7.04
N ASP A 3 1.75 11.18 8.08
CA ASP A 3 2.80 10.39 8.73
C ASP A 3 2.88 8.99 8.13
N THR A 4 1.79 8.23 8.26
CA THR A 4 1.74 6.88 7.73
C THR A 4 1.79 6.88 6.20
N ALA A 5 0.98 7.73 5.60
CA ALA A 5 0.93 7.83 4.14
C ALA A 5 2.32 8.04 3.55
N GLU A 6 3.05 9.00 4.12
CA GLU A 6 4.39 9.31 3.64
C GLU A 6 5.25 8.05 3.60
N ARG A 7 5.18 7.24 4.66
CA ARG A 7 5.95 6.01 4.74
C ARG A 7 5.53 5.04 3.64
N VAL A 8 4.24 4.73 3.60
CA VAL A 8 3.72 3.80 2.60
C VAL A 8 4.14 4.22 1.20
N LYS A 9 3.83 5.46 0.83
CA LYS A 9 4.17 5.99 -0.49
C LYS A 9 5.66 5.82 -0.76
N LYS A 10 6.48 6.23 0.19
CA LYS A 10 7.93 6.14 0.06
C LYS A 10 8.34 4.72 -0.33
N ILE A 11 7.88 3.74 0.45
CA ILE A 11 8.20 2.35 0.18
C ILE A 11 7.69 1.91 -1.19
N VAL A 12 6.54 2.44 -1.58
CA VAL A 12 5.94 2.11 -2.88
C VAL A 12 6.79 2.68 -4.01
N VAL A 13 7.42 3.82 -3.77
CA VAL A 13 8.26 4.47 -4.78
C VAL A 13 9.63 3.81 -4.84
N GLU A 14 10.11 3.34 -3.70
CA GLU A 14 11.43 2.70 -3.63
C GLU A 14 11.35 1.24 -4.08
N HIS A 15 10.16 0.65 -3.96
CA HIS A 15 9.94 -0.73 -4.36
C HIS A 15 9.49 -0.82 -5.82
N LEU A 16 8.50 -0.02 -6.17
CA LEU A 16 7.97 0.01 -7.54
C LEU A 16 8.88 0.81 -8.46
N GLY A 17 9.51 1.84 -7.89
CA GLY A 17 10.41 2.68 -8.69
C GLY A 17 9.65 3.65 -9.59
N VAL A 18 8.51 4.12 -9.11
CA VAL A 18 7.69 5.05 -9.88
C VAL A 18 7.77 6.46 -9.31
N ASP A 19 7.04 7.38 -9.91
CA ASP A 19 7.02 8.77 -9.47
C ASP A 19 6.01 8.97 -8.34
N ALA A 20 6.38 9.77 -7.35
CA ALA A 20 5.50 10.05 -6.22
C ALA A 20 4.26 10.82 -6.66
N ASP A 21 4.44 11.67 -7.67
CA ASP A 21 3.33 12.47 -8.20
C ASP A 21 2.15 11.60 -8.57
N LYS A 22 2.42 10.35 -8.92
CA LYS A 22 1.39 9.40 -9.30
C LYS A 22 0.86 8.66 -8.08
N VAL A 23 1.70 8.55 -7.05
CA VAL A 23 1.31 7.86 -5.83
C VAL A 23 0.25 8.64 -5.06
N THR A 24 -1.02 8.40 -5.43
CA THR A 24 -2.13 9.09 -4.78
C THR A 24 -3.15 8.09 -4.24
N GLU A 25 -3.94 8.52 -3.27
CA GLU A 25 -4.95 7.67 -2.68
C GLU A 25 -5.84 7.04 -3.75
N GLY A 26 -6.01 7.75 -4.86
CA GLY A 26 -6.83 7.26 -5.95
C GLY A 26 -6.03 6.52 -6.99
N ALA A 27 -4.94 5.89 -6.56
CA ALA A 27 -4.08 5.13 -7.47
C ALA A 27 -4.19 3.64 -7.22
N SER A 28 -4.76 2.91 -8.17
CA SER A 28 -4.93 1.47 -8.05
C SER A 28 -3.69 0.74 -8.57
N PHE A 29 -3.02 0.02 -7.68
CA PHE A 29 -1.83 -0.74 -8.05
C PHE A 29 -2.16 -1.81 -9.08
N ILE A 30 -3.45 -2.07 -9.26
CA ILE A 30 -3.90 -3.08 -10.22
C ILE A 30 -4.00 -2.49 -11.63
N ASP A 31 -4.73 -1.39 -11.75
CA ASP A 31 -4.90 -0.73 -13.04
C ASP A 31 -3.89 0.40 -13.20
N ASP A 32 -3.95 1.39 -12.31
CA ASP A 32 -3.04 2.52 -12.37
C ASP A 32 -1.62 2.06 -12.67
N LEU A 33 -1.20 0.98 -12.02
CA LEU A 33 0.14 0.43 -12.21
C LEU A 33 0.11 -0.75 -13.17
N GLY A 34 -1.08 -1.30 -13.39
CA GLY A 34 -1.22 -2.44 -14.28
C GLY A 34 -0.67 -3.72 -13.68
N ALA A 35 -0.80 -3.86 -12.36
CA ALA A 35 -0.32 -5.05 -11.67
C ALA A 35 -1.46 -6.00 -11.35
N ASP A 36 -1.12 -7.18 -10.85
CA ASP A 36 -2.11 -8.19 -10.50
C ASP A 36 -2.22 -8.35 -8.98
N SER A 37 -3.12 -9.22 -8.55
CA SER A 37 -3.32 -9.47 -7.13
C SER A 37 -2.00 -9.80 -6.44
N LEU A 38 -1.13 -10.50 -7.16
CA LEU A 38 0.18 -10.87 -6.63
C LEU A 38 0.91 -9.66 -6.08
N ASP A 39 1.02 -8.62 -6.90
CA ASP A 39 1.70 -7.39 -6.48
C ASP A 39 1.09 -6.84 -5.21
N THR A 40 -0.24 -6.76 -5.17
CA THR A 40 -0.95 -6.23 -4.01
C THR A 40 -0.59 -7.02 -2.75
N VAL A 41 -0.61 -8.35 -2.85
CA VAL A 41 -0.28 -9.20 -1.72
C VAL A 41 1.14 -8.93 -1.22
N GLU A 42 2.11 -8.99 -2.13
CA GLU A 42 3.50 -8.75 -1.78
C GLU A 42 3.66 -7.43 -1.03
N LEU A 43 3.07 -6.37 -1.58
CA LEU A 43 3.14 -5.05 -0.97
C LEU A 43 2.58 -5.08 0.46
N VAL A 44 1.38 -5.61 0.61
CA VAL A 44 0.74 -5.70 1.91
C VAL A 44 1.66 -6.37 2.93
N MET A 45 2.24 -7.49 2.54
CA MET A 45 3.16 -8.23 3.41
C MET A 45 4.35 -7.37 3.80
N ALA A 46 4.93 -6.69 2.82
CA ALA A 46 6.08 -5.83 3.07
C ALA A 46 5.78 -4.79 4.13
N PHE A 47 4.70 -4.02 3.92
CA PHE A 47 4.30 -2.98 4.87
C PHE A 47 4.02 -3.58 6.24
N GLU A 48 3.38 -4.75 6.25
CA GLU A 48 3.06 -5.43 7.50
C GLU A 48 4.32 -5.78 8.27
N GLU A 49 5.35 -6.18 7.55
CA GLU A 49 6.62 -6.56 8.17
C GLU A 49 7.41 -5.32 8.57
N GLU A 50 7.20 -4.23 7.83
CA GLU A 50 7.90 -2.98 8.11
C GLU A 50 7.34 -2.30 9.36
N PHE A 51 6.03 -2.11 9.38
CA PHE A 51 5.36 -1.48 10.51
C PHE A 51 5.16 -2.47 11.65
N GLY A 52 5.12 -3.76 11.32
CA GLY A 52 4.94 -4.78 12.32
C GLY A 52 3.51 -4.84 12.84
N VAL A 53 2.57 -5.09 11.93
CA VAL A 53 1.16 -5.17 12.28
C VAL A 53 0.59 -6.54 11.95
N GLU A 54 -0.66 -6.77 12.34
CA GLU A 54 -1.33 -8.03 12.08
C GLU A 54 -2.62 -7.83 11.30
N ILE A 55 -2.61 -8.24 10.03
CA ILE A 55 -3.78 -8.10 9.18
C ILE A 55 -4.16 -9.42 8.55
N PRO A 56 -5.46 -9.58 8.22
CA PRO A 56 -5.98 -10.79 7.61
C PRO A 56 -5.50 -10.97 6.17
N ASP A 57 -5.59 -12.21 5.68
CA ASP A 57 -5.16 -12.51 4.32
C ASP A 57 -6.14 -11.95 3.30
N ASP A 58 -7.38 -11.78 3.71
CA ASP A 58 -8.42 -11.25 2.83
C ASP A 58 -8.20 -9.77 2.56
N ALA A 59 -7.53 -9.09 3.49
CA ALA A 59 -7.24 -7.68 3.35
C ALA A 59 -6.59 -7.37 2.01
N ALA A 60 -5.75 -8.30 1.54
CA ALA A 60 -5.06 -8.14 0.26
C ALA A 60 -6.05 -7.87 -0.86
N GLU A 61 -7.27 -8.38 -0.70
CA GLU A 61 -8.31 -8.19 -1.71
C GLU A 61 -9.09 -6.91 -1.45
N THR A 62 -9.13 -6.48 -0.20
CA THR A 62 -9.84 -5.27 0.18
C THR A 62 -9.05 -4.02 -0.19
N ILE A 63 -7.75 -4.20 -0.41
CA ILE A 63 -6.88 -3.09 -0.77
C ILE A 63 -6.77 -2.95 -2.28
N LEU A 64 -7.39 -1.90 -2.82
CA LEU A 64 -7.35 -1.65 -4.26
C LEU A 64 -6.48 -0.44 -4.58
N THR A 65 -6.84 0.71 -4.01
CA THR A 65 -6.09 1.94 -4.24
C THR A 65 -5.16 2.24 -3.08
N VAL A 66 -4.21 3.14 -3.29
CA VAL A 66 -3.25 3.52 -2.26
C VAL A 66 -3.97 3.91 -0.98
N GLY A 67 -5.06 4.65 -1.12
CA GLY A 67 -5.82 5.07 0.05
C GLY A 67 -6.17 3.92 0.97
N ASP A 68 -6.53 2.78 0.37
CA ASP A 68 -6.91 1.60 1.14
C ASP A 68 -5.70 1.03 1.88
N ALA A 69 -4.64 0.73 1.14
CA ALA A 69 -3.42 0.18 1.72
C ALA A 69 -2.93 1.05 2.87
N VAL A 70 -2.79 2.36 2.60
CA VAL A 70 -2.32 3.30 3.61
C VAL A 70 -3.25 3.31 4.82
N LYS A 71 -4.54 3.51 4.57
CA LYS A 71 -5.53 3.54 5.63
C LYS A 71 -5.49 2.26 6.45
N PHE A 72 -5.12 1.16 5.81
CA PHE A 72 -5.04 -0.13 6.48
C PHE A 72 -3.85 -0.18 7.43
N ILE A 73 -2.67 0.15 6.91
CA ILE A 73 -1.46 0.14 7.71
C ILE A 73 -1.58 1.09 8.90
N ASP A 74 -2.25 2.22 8.69
CA ASP A 74 -2.44 3.21 9.75
C ASP A 74 -3.44 2.70 10.79
N LYS A 75 -4.59 2.25 10.33
CA LYS A 75 -5.63 1.73 11.22
C LYS A 75 -5.12 0.54 12.02
N ALA A 76 -4.21 -0.23 11.41
CA ALA A 76 -3.65 -1.39 12.06
C ALA A 76 -2.46 -1.01 12.95
N SER A 77 -1.80 0.09 12.61
CA SER A 77 -0.66 0.57 13.37
C SER A 77 -1.04 0.84 14.82
N ALA A 78 -2.17 1.52 15.01
CA ALA A 78 -2.65 1.84 16.34
C ALA A 78 -3.48 0.70 16.92
N MET A 1 -0.57 16.70 9.42
CA MET A 1 0.12 16.21 8.23
C MET A 1 0.01 14.69 8.14
N SER A 2 0.04 14.17 6.91
CA SER A 2 -0.05 12.74 6.69
C SER A 2 1.29 12.06 6.98
N ASP A 3 1.31 11.25 8.04
CA ASP A 3 2.51 10.54 8.44
C ASP A 3 2.56 9.15 7.80
N THR A 4 1.41 8.47 7.80
CA THR A 4 1.32 7.14 7.23
C THR A 4 1.35 7.18 5.70
N ALA A 5 0.61 8.13 5.13
CA ALA A 5 0.56 8.27 3.68
C ALA A 5 1.96 8.43 3.09
N GLU A 6 2.73 9.37 3.63
CA GLU A 6 4.09 9.62 3.16
C GLU A 6 4.92 8.34 3.21
N ARG A 7 4.80 7.61 4.32
CA ARG A 7 5.54 6.36 4.49
C ARG A 7 5.20 5.36 3.39
N VAL A 8 3.91 5.06 3.25
CA VAL A 8 3.46 4.12 2.24
C VAL A 8 3.99 4.50 0.86
N LYS A 9 3.69 5.72 0.43
CA LYS A 9 4.14 6.22 -0.87
C LYS A 9 5.64 6.02 -1.04
N LYS A 10 6.40 6.34 0.01
CA LYS A 10 7.84 6.20 -0.02
C LYS A 10 8.25 4.76 -0.34
N ILE A 11 7.73 3.82 0.44
CA ILE A 11 8.02 2.40 0.23
C ILE A 11 7.57 1.94 -1.15
N VAL A 12 6.51 2.57 -1.66
CA VAL A 12 5.99 2.22 -2.96
C VAL A 12 6.87 2.76 -4.08
N VAL A 13 7.46 3.93 -3.84
CA VAL A 13 8.34 4.56 -4.82
C VAL A 13 9.69 3.87 -4.87
N GLU A 14 10.16 3.40 -3.72
CA GLU A 14 11.44 2.71 -3.63
C GLU A 14 11.31 1.25 -4.06
N HIS A 15 10.11 0.70 -3.91
CA HIS A 15 9.85 -0.69 -4.28
C HIS A 15 9.43 -0.79 -5.74
N LEU A 16 8.39 -0.03 -6.10
CA LEU A 16 7.88 -0.04 -7.47
C LEU A 16 8.83 0.72 -8.40
N GLY A 17 9.43 1.78 -7.88
CA GLY A 17 10.35 2.57 -8.69
C GLY A 17 9.63 3.58 -9.55
N VAL A 18 8.44 3.98 -9.14
CA VAL A 18 7.65 4.94 -9.89
C VAL A 18 7.63 6.30 -9.20
N ASP A 19 6.96 7.26 -9.81
CA ASP A 19 6.86 8.60 -9.25
C ASP A 19 5.89 8.64 -8.08
N ALA A 20 6.19 9.48 -7.09
CA ALA A 20 5.35 9.61 -5.91
C ALA A 20 4.10 10.43 -6.21
N ASP A 21 4.26 11.44 -7.05
CA ASP A 21 3.14 12.31 -7.43
C ASP A 21 1.97 11.48 -7.96
N LYS A 22 2.29 10.43 -8.72
CA LYS A 22 1.26 9.56 -9.29
C LYS A 22 0.56 8.77 -8.19
N VAL A 23 1.26 8.55 -7.08
CA VAL A 23 0.71 7.80 -5.96
C VAL A 23 -0.38 8.60 -5.25
N THR A 24 -1.60 8.49 -5.74
CA THR A 24 -2.74 9.20 -5.15
C THR A 24 -3.73 8.24 -4.52
N GLU A 25 -4.62 8.77 -3.69
CA GLU A 25 -5.63 7.95 -3.03
C GLU A 25 -6.41 7.13 -4.04
N GLY A 26 -6.60 7.68 -5.23
CA GLY A 26 -7.34 6.98 -6.27
C GLY A 26 -6.42 6.26 -7.24
N ALA A 27 -5.29 5.78 -6.74
CA ALA A 27 -4.33 5.07 -7.57
C ALA A 27 -4.39 3.57 -7.29
N SER A 28 -4.89 2.81 -8.26
CA SER A 28 -5.00 1.36 -8.13
C SER A 28 -3.76 0.67 -8.66
N PHE A 29 -3.04 -0.01 -7.77
CA PHE A 29 -1.81 -0.72 -8.16
C PHE A 29 -2.12 -1.83 -9.16
N ILE A 30 -3.40 -2.14 -9.31
CA ILE A 30 -3.83 -3.17 -10.24
C ILE A 30 -3.97 -2.62 -11.66
N ASP A 31 -4.75 -1.55 -11.79
CA ASP A 31 -4.97 -0.93 -13.08
C ASP A 31 -4.02 0.23 -13.30
N ASP A 32 -4.09 1.23 -12.43
CA ASP A 32 -3.22 2.40 -12.52
C ASP A 32 -1.79 1.99 -12.84
N LEU A 33 -1.33 0.93 -12.19
CA LEU A 33 0.04 0.43 -12.40
C LEU A 33 0.02 -0.77 -13.34
N GLY A 34 -1.15 -1.38 -13.51
CA GLY A 34 -1.26 -2.53 -14.38
C GLY A 34 -0.64 -3.78 -13.78
N ALA A 35 -0.76 -3.92 -12.47
CA ALA A 35 -0.20 -5.07 -11.78
C ALA A 35 -1.27 -6.13 -11.51
N ASP A 36 -0.91 -7.17 -10.78
CA ASP A 36 -1.84 -8.24 -10.45
C ASP A 36 -1.96 -8.42 -8.94
N SER A 37 -2.84 -9.33 -8.53
CA SER A 37 -3.06 -9.59 -7.11
C SER A 37 -1.74 -9.88 -6.41
N LEU A 38 -0.84 -10.56 -7.10
CA LEU A 38 0.47 -10.90 -6.54
C LEU A 38 1.17 -9.67 -6.00
N ASP A 39 1.23 -8.62 -6.82
CA ASP A 39 1.87 -7.37 -6.42
C ASP A 39 1.26 -6.83 -5.13
N THR A 40 -0.07 -6.72 -5.12
CA THR A 40 -0.78 -6.22 -3.94
C THR A 40 -0.39 -6.99 -2.69
N VAL A 41 -0.44 -8.32 -2.77
CA VAL A 41 -0.08 -9.16 -1.64
C VAL A 41 1.33 -8.86 -1.15
N GLU A 42 2.29 -8.87 -2.07
CA GLU A 42 3.68 -8.59 -1.72
C GLU A 42 3.79 -7.29 -0.95
N LEU A 43 3.23 -6.22 -1.49
CA LEU A 43 3.28 -4.91 -0.85
C LEU A 43 2.73 -4.98 0.57
N VAL A 44 1.54 -5.56 0.71
CA VAL A 44 0.90 -5.69 2.02
C VAL A 44 1.85 -6.35 3.03
N MET A 45 2.44 -7.46 2.63
CA MET A 45 3.36 -8.18 3.50
C MET A 45 4.53 -7.29 3.92
N ALA A 46 5.13 -6.61 2.95
CA ALA A 46 6.24 -5.71 3.22
C ALA A 46 5.87 -4.69 4.30
N PHE A 47 4.72 -4.05 4.12
CA PHE A 47 4.26 -3.05 5.07
C PHE A 47 4.06 -3.66 6.45
N GLU A 48 3.49 -4.86 6.48
CA GLU A 48 3.24 -5.55 7.74
C GLU A 48 4.55 -5.82 8.49
N GLU A 49 5.58 -6.19 7.74
CA GLU A 49 6.88 -6.47 8.32
C GLU A 49 7.63 -5.18 8.65
N GLU A 50 7.30 -4.12 7.93
CA GLU A 50 7.94 -2.83 8.14
C GLU A 50 7.38 -2.14 9.38
N PHE A 51 6.06 -1.98 9.42
CA PHE A 51 5.41 -1.34 10.55
C PHE A 51 5.25 -2.31 11.71
N GLY A 52 5.25 -3.61 11.40
CA GLY A 52 5.10 -4.62 12.44
C GLY A 52 3.66 -4.95 12.73
N VAL A 53 2.78 -4.65 11.79
CA VAL A 53 1.35 -4.92 11.96
C VAL A 53 0.98 -6.27 11.37
N GLU A 54 0.06 -6.96 12.04
CA GLU A 54 -0.39 -8.27 11.58
C GLU A 54 -1.84 -8.23 11.14
N ILE A 55 -2.08 -8.47 9.85
CA ILE A 55 -3.42 -8.47 9.30
C ILE A 55 -3.73 -9.76 8.57
N PRO A 56 -5.02 -10.09 8.45
CA PRO A 56 -5.48 -11.31 7.78
C PRO A 56 -5.27 -11.25 6.27
N ASP A 57 -5.43 -12.38 5.60
CA ASP A 57 -5.26 -12.46 4.16
C ASP A 57 -6.36 -11.68 3.44
N ASP A 58 -7.55 -11.67 4.02
CA ASP A 58 -8.68 -10.96 3.43
C ASP A 58 -8.34 -9.50 3.20
N ALA A 59 -7.40 -8.98 3.98
CA ALA A 59 -6.98 -7.58 3.86
C ALA A 59 -6.52 -7.28 2.44
N ALA A 60 -5.98 -8.28 1.77
CA ALA A 60 -5.50 -8.13 0.41
C ALA A 60 -6.67 -7.94 -0.57
N GLU A 61 -7.83 -8.47 -0.20
CA GLU A 61 -9.01 -8.36 -1.04
C GLU A 61 -9.76 -7.07 -0.75
N THR A 62 -9.19 -6.23 0.08
CA THR A 62 -9.81 -4.95 0.43
C THR A 62 -8.95 -3.78 -0.02
N ILE A 63 -7.67 -4.05 -0.29
CA ILE A 63 -6.75 -3.01 -0.74
C ILE A 63 -6.68 -2.96 -2.26
N LEU A 64 -7.33 -1.97 -2.84
CA LEU A 64 -7.34 -1.80 -4.29
C LEU A 64 -6.54 -0.58 -4.71
N THR A 65 -6.71 0.52 -3.97
CA THR A 65 -6.00 1.76 -4.26
C THR A 65 -5.07 2.13 -3.12
N VAL A 66 -4.21 3.11 -3.38
CA VAL A 66 -3.26 3.58 -2.36
C VAL A 66 -3.97 3.90 -1.06
N GLY A 67 -5.06 4.67 -1.17
CA GLY A 67 -5.81 5.05 0.02
C GLY A 67 -6.18 3.85 0.88
N ASP A 68 -6.57 2.76 0.24
CA ASP A 68 -6.95 1.54 0.96
C ASP A 68 -5.77 0.98 1.74
N ALA A 69 -4.66 0.72 1.05
CA ALA A 69 -3.46 0.20 1.68
C ALA A 69 -2.99 1.10 2.81
N VAL A 70 -2.81 2.38 2.50
CA VAL A 70 -2.36 3.35 3.49
C VAL A 70 -3.29 3.39 4.70
N LYS A 71 -4.58 3.56 4.43
CA LYS A 71 -5.59 3.62 5.49
C LYS A 71 -5.54 2.35 6.34
N PHE A 72 -5.24 1.23 5.70
CA PHE A 72 -5.15 -0.05 6.40
C PHE A 72 -3.99 -0.07 7.38
N ILE A 73 -2.80 0.24 6.88
CA ILE A 73 -1.60 0.26 7.71
C ILE A 73 -1.76 1.25 8.87
N ASP A 74 -2.41 2.38 8.60
CA ASP A 74 -2.63 3.40 9.61
C ASP A 74 -3.67 2.92 10.64
N LYS A 75 -4.70 2.25 10.17
CA LYS A 75 -5.75 1.74 11.05
C LYS A 75 -5.24 0.61 11.91
N ALA A 76 -4.38 -0.23 11.35
CA ALA A 76 -3.81 -1.36 12.08
C ALA A 76 -2.65 -0.90 12.95
N SER A 77 -2.01 0.20 12.57
CA SER A 77 -0.89 0.73 13.32
C SER A 77 -1.31 1.15 14.73
N ALA A 78 -2.47 1.81 14.82
CA ALA A 78 -2.99 2.26 16.10
C ALA A 78 -4.12 1.35 16.59
N MET A 1 0.08 15.80 4.58
CA MET A 1 -0.18 16.06 5.99
C MET A 1 -0.44 14.76 6.75
N SER A 2 0.20 13.69 6.30
CA SER A 2 0.03 12.39 6.93
C SER A 2 1.38 11.77 7.28
N ASP A 3 1.41 10.94 8.32
CA ASP A 3 2.64 10.29 8.75
C ASP A 3 2.76 8.90 8.11
N THR A 4 1.67 8.14 8.13
CA THR A 4 1.66 6.80 7.56
C THR A 4 1.70 6.84 6.05
N ALA A 5 0.90 7.73 5.46
CA ALA A 5 0.86 7.87 4.01
C ALA A 5 2.25 8.07 3.43
N GLU A 6 3.00 9.01 4.00
CA GLU A 6 4.36 9.29 3.55
C GLU A 6 5.19 8.01 3.48
N ARG A 7 5.13 7.22 4.55
CA ARG A 7 5.88 5.98 4.62
C ARG A 7 5.47 5.03 3.49
N VAL A 8 4.18 4.74 3.42
CA VAL A 8 3.67 3.85 2.38
C VAL A 8 4.12 4.29 1.00
N LYS A 9 3.84 5.56 0.67
CA LYS A 9 4.22 6.11 -0.63
C LYS A 9 5.69 5.87 -0.91
N LYS A 10 6.54 6.25 0.03
CA LYS A 10 7.99 6.06 -0.11
C LYS A 10 8.32 4.61 -0.48
N ILE A 11 7.92 3.68 0.38
CA ILE A 11 8.17 2.27 0.15
C ILE A 11 7.70 1.85 -1.24
N VAL A 12 6.56 2.38 -1.66
CA VAL A 12 6.00 2.06 -2.96
C VAL A 12 6.86 2.63 -4.09
N VAL A 13 7.40 3.82 -3.86
CA VAL A 13 8.25 4.48 -4.84
C VAL A 13 9.56 3.72 -5.04
N GLU A 14 10.11 3.22 -3.94
CA GLU A 14 11.37 2.47 -4.00
C GLU A 14 11.12 1.03 -4.41
N HIS A 15 9.91 0.53 -4.14
CA HIS A 15 9.55 -0.83 -4.48
C HIS A 15 9.18 -0.94 -5.96
N LEU A 16 8.15 -0.18 -6.36
CA LEU A 16 7.69 -0.19 -7.75
C LEU A 16 8.66 0.56 -8.64
N GLY A 17 9.25 1.62 -8.10
CA GLY A 17 10.20 2.41 -8.87
C GLY A 17 9.52 3.47 -9.72
N VAL A 18 8.37 3.94 -9.26
CA VAL A 18 7.61 4.96 -9.99
C VAL A 18 7.70 6.31 -9.29
N ASP A 19 7.10 7.32 -9.90
CA ASP A 19 7.12 8.67 -9.34
C ASP A 19 6.15 8.79 -8.17
N ALA A 20 6.45 9.67 -7.24
CA ALA A 20 5.62 9.89 -6.06
C ALA A 20 4.37 10.69 -6.41
N ASP A 21 4.51 11.61 -7.36
CA ASP A 21 3.39 12.45 -7.79
C ASP A 21 2.21 11.59 -8.23
N LYS A 22 2.52 10.40 -8.76
CA LYS A 22 1.48 9.48 -9.22
C LYS A 22 0.87 8.72 -8.06
N VAL A 23 1.63 8.57 -6.97
CA VAL A 23 1.15 7.87 -5.79
C VAL A 23 0.01 8.64 -5.12
N THR A 24 -1.21 8.35 -5.54
CA THR A 24 -2.39 9.02 -4.98
C THR A 24 -3.33 8.01 -4.35
N GLU A 25 -4.11 8.46 -3.37
CA GLU A 25 -5.07 7.60 -2.69
C GLU A 25 -5.96 6.87 -3.70
N GLY A 26 -6.20 7.53 -4.84
CA GLY A 26 -7.04 6.94 -5.86
C GLY A 26 -6.24 6.21 -6.92
N ALA A 27 -5.10 5.65 -6.52
CA ALA A 27 -4.24 4.93 -7.45
C ALA A 27 -4.31 3.42 -7.20
N SER A 28 -4.89 2.70 -8.16
CA SER A 28 -5.02 1.26 -8.05
C SER A 28 -3.77 0.55 -8.58
N PHE A 29 -3.07 -0.15 -7.69
CA PHE A 29 -1.86 -0.86 -8.07
C PHE A 29 -2.17 -1.95 -9.10
N ILE A 30 -3.45 -2.26 -9.26
CA ILE A 30 -3.89 -3.28 -10.20
C ILE A 30 -4.04 -2.70 -11.61
N ASP A 31 -4.81 -1.62 -11.71
CA ASP A 31 -5.03 -0.96 -13.00
C ASP A 31 -4.05 0.18 -13.19
N ASP A 32 -4.11 1.17 -12.31
CA ASP A 32 -3.23 2.33 -12.40
C ASP A 32 -1.81 1.91 -12.73
N LEU A 33 -1.35 0.83 -12.09
CA LEU A 33 0.00 0.33 -12.32
C LEU A 33 -0.02 -0.86 -13.27
N GLY A 34 -1.20 -1.45 -13.44
CA GLY A 34 -1.34 -2.59 -14.34
C GLY A 34 -0.77 -3.86 -13.73
N ALA A 35 -0.84 -3.97 -12.41
CA ALA A 35 -0.33 -5.15 -11.71
C ALA A 35 -1.45 -6.12 -11.38
N ASP A 36 -1.08 -7.29 -10.85
CA ASP A 36 -2.06 -8.30 -10.48
C ASP A 36 -2.10 -8.49 -8.97
N SER A 37 -2.95 -9.42 -8.52
CA SER A 37 -3.09 -9.69 -7.10
C SER A 37 -1.73 -9.94 -6.45
N LEU A 38 -0.81 -10.51 -7.22
CA LEU A 38 0.53 -10.80 -6.73
C LEU A 38 1.18 -9.55 -6.15
N ASP A 39 1.19 -8.48 -6.95
CA ASP A 39 1.77 -7.22 -6.52
C ASP A 39 1.17 -6.75 -5.20
N THR A 40 -0.16 -6.73 -5.13
CA THR A 40 -0.86 -6.31 -3.93
C THR A 40 -0.39 -7.09 -2.71
N VAL A 41 -0.38 -8.42 -2.83
CA VAL A 41 0.06 -9.28 -1.74
C VAL A 41 1.46 -8.91 -1.28
N GLU A 42 2.38 -8.80 -2.24
CA GLU A 42 3.76 -8.47 -1.93
C GLU A 42 3.84 -7.19 -1.10
N LEU A 43 3.19 -6.13 -1.59
CA LEU A 43 3.19 -4.85 -0.89
C LEU A 43 2.70 -5.00 0.54
N VAL A 44 1.55 -5.67 0.69
CA VAL A 44 0.98 -5.89 2.01
C VAL A 44 1.99 -6.53 2.96
N MET A 45 2.63 -7.60 2.50
CA MET A 45 3.62 -8.30 3.29
C MET A 45 4.73 -7.36 3.74
N ALA A 46 5.30 -6.63 2.78
CA ALA A 46 6.37 -5.68 3.06
C ALA A 46 5.97 -4.73 4.18
N PHE A 47 4.78 -4.14 4.05
CA PHE A 47 4.28 -3.20 5.04
C PHE A 47 4.08 -3.88 6.39
N GLU A 48 3.68 -5.15 6.35
CA GLU A 48 3.46 -5.91 7.57
C GLU A 48 4.76 -6.11 8.34
N GLU A 49 5.83 -6.42 7.60
CA GLU A 49 7.14 -6.64 8.21
C GLU A 49 7.81 -5.32 8.56
N GLU A 50 7.44 -4.27 7.83
CA GLU A 50 8.00 -2.95 8.06
C GLU A 50 7.37 -2.28 9.28
N PHE A 51 6.04 -2.16 9.25
CA PHE A 51 5.30 -1.55 10.35
C PHE A 51 5.14 -2.53 11.51
N GLY A 52 5.19 -3.83 11.20
CA GLY A 52 5.04 -4.85 12.22
C GLY A 52 3.60 -5.05 12.63
N VAL A 53 2.70 -5.04 11.65
CA VAL A 53 1.28 -5.23 11.91
C VAL A 53 0.79 -6.58 11.39
N GLU A 54 -0.34 -7.04 11.90
CA GLU A 54 -0.91 -8.31 11.48
C GLU A 54 -2.29 -8.11 10.86
N ILE A 55 -2.43 -8.52 9.61
CA ILE A 55 -3.70 -8.38 8.91
C ILE A 55 -4.14 -9.72 8.32
N PRO A 56 -5.46 -9.88 8.16
CA PRO A 56 -6.05 -11.11 7.60
C PRO A 56 -5.74 -11.28 6.12
N ASP A 57 -5.89 -12.51 5.63
CA ASP A 57 -5.63 -12.80 4.22
C ASP A 57 -6.75 -12.25 3.35
N ASP A 58 -7.94 -12.14 3.90
CA ASP A 58 -9.09 -11.63 3.17
C ASP A 58 -8.97 -10.13 2.96
N ALA A 59 -8.25 -9.46 3.86
CA ALA A 59 -8.07 -8.02 3.76
C ALA A 59 -7.49 -7.62 2.41
N ALA A 60 -6.74 -8.53 1.80
CA ALA A 60 -6.14 -8.29 0.49
C ALA A 60 -7.20 -7.91 -0.54
N GLU A 61 -8.43 -8.34 -0.30
CA GLU A 61 -9.53 -8.05 -1.21
C GLU A 61 -10.08 -6.64 -0.96
N THR A 62 -9.92 -6.15 0.26
CA THR A 62 -10.41 -4.83 0.63
C THR A 62 -9.48 -3.75 0.11
N ILE A 63 -8.26 -4.12 -0.22
CA ILE A 63 -7.27 -3.18 -0.74
C ILE A 63 -7.44 -2.98 -2.24
N LEU A 64 -7.86 -1.78 -2.63
CA LEU A 64 -8.06 -1.45 -4.04
C LEU A 64 -7.03 -0.45 -4.52
N THR A 65 -7.00 0.71 -3.88
CA THR A 65 -6.04 1.76 -4.24
C THR A 65 -5.12 2.10 -3.08
N VAL A 66 -4.19 3.02 -3.31
CA VAL A 66 -3.26 3.44 -2.27
C VAL A 66 -3.98 3.82 -0.99
N GLY A 67 -5.09 4.54 -1.14
CA GLY A 67 -5.86 4.96 0.03
C GLY A 67 -6.21 3.80 0.93
N ASP A 68 -6.53 2.66 0.33
CA ASP A 68 -6.90 1.47 1.10
C ASP A 68 -5.69 0.94 1.87
N ALA A 69 -4.61 0.65 1.15
CA ALA A 69 -3.40 0.14 1.77
C ALA A 69 -2.93 1.04 2.90
N VAL A 70 -2.79 2.34 2.59
CA VAL A 70 -2.35 3.31 3.59
C VAL A 70 -3.28 3.33 4.79
N LYS A 71 -4.57 3.54 4.55
CA LYS A 71 -5.57 3.59 5.61
C LYS A 71 -5.51 2.32 6.46
N PHE A 72 -5.15 1.21 5.82
CA PHE A 72 -5.05 -0.08 6.52
C PHE A 72 -3.88 -0.07 7.50
N ILE A 73 -2.68 0.17 6.96
CA ILE A 73 -1.47 0.20 7.78
C ILE A 73 -1.61 1.18 8.94
N ASP A 74 -2.29 2.30 8.68
CA ASP A 74 -2.50 3.32 9.71
C ASP A 74 -3.52 2.85 10.73
N LYS A 75 -4.59 2.23 10.27
CA LYS A 75 -5.64 1.73 11.15
C LYS A 75 -5.10 0.65 12.08
N ALA A 76 -4.25 -0.22 11.54
CA ALA A 76 -3.65 -1.29 12.31
C ALA A 76 -2.47 -0.80 13.13
N SER A 77 -1.82 0.25 12.65
CA SER A 77 -0.67 0.83 13.34
C SER A 77 -1.04 1.27 14.74
N ALA A 78 -2.30 1.68 14.91
CA ALA A 78 -2.79 2.13 16.20
C ALA A 78 -3.30 0.97 17.05
N MET A 1 -0.16 16.90 5.92
CA MET A 1 0.24 16.65 7.31
C MET A 1 0.00 15.19 7.68
N SER A 2 0.23 14.30 6.73
CA SER A 2 0.03 12.87 6.97
C SER A 2 1.33 12.22 7.46
N ASP A 3 1.18 11.22 8.32
CA ASP A 3 2.34 10.52 8.88
C ASP A 3 2.51 9.15 8.22
N THR A 4 1.41 8.42 8.10
CA THR A 4 1.44 7.10 7.49
C THR A 4 1.47 7.20 5.97
N ALA A 5 0.72 8.15 5.43
CA ALA A 5 0.65 8.35 3.98
C ALA A 5 2.05 8.47 3.39
N GLU A 6 2.84 9.40 3.92
CA GLU A 6 4.20 9.62 3.44
C GLU A 6 4.98 8.32 3.41
N ARG A 7 5.02 7.62 4.55
CA ARG A 7 5.74 6.36 4.65
C ARG A 7 5.29 5.38 3.56
N VAL A 8 3.98 5.19 3.45
CA VAL A 8 3.42 4.28 2.46
C VAL A 8 3.95 4.60 1.07
N LYS A 9 3.63 5.81 0.59
CA LYS A 9 4.08 6.25 -0.74
C LYS A 9 5.59 6.07 -0.88
N LYS A 10 6.31 6.24 0.22
CA LYS A 10 7.77 6.10 0.21
C LYS A 10 8.17 4.68 -0.18
N ILE A 11 7.71 3.70 0.61
CA ILE A 11 8.02 2.31 0.34
C ILE A 11 7.51 1.87 -1.02
N VAL A 12 6.41 2.48 -1.46
CA VAL A 12 5.81 2.16 -2.75
C VAL A 12 6.69 2.64 -3.89
N VAL A 13 7.25 3.84 -3.75
CA VAL A 13 8.11 4.41 -4.77
C VAL A 13 9.48 3.76 -4.77
N GLU A 14 9.91 3.31 -3.59
CA GLU A 14 11.21 2.66 -3.45
C GLU A 14 11.13 1.18 -3.85
N HIS A 15 9.93 0.63 -3.76
CA HIS A 15 9.71 -0.78 -4.11
C HIS A 15 9.42 -0.92 -5.60
N LEU A 16 8.38 -0.22 -6.06
CA LEU A 16 8.00 -0.27 -7.46
C LEU A 16 8.98 0.51 -8.33
N GLY A 17 9.61 1.52 -7.73
CA GLY A 17 10.56 2.34 -8.46
C GLY A 17 9.89 3.25 -9.45
N VAL A 18 8.71 3.75 -9.10
CA VAL A 18 7.96 4.66 -9.97
C VAL A 18 8.00 6.08 -9.44
N ASP A 19 7.25 6.96 -10.08
CA ASP A 19 7.18 8.36 -9.68
C ASP A 19 6.18 8.56 -8.55
N ALA A 20 6.47 9.50 -7.66
CA ALA A 20 5.60 9.79 -6.53
C ALA A 20 4.37 10.59 -6.99
N ASP A 21 4.53 11.34 -8.06
CA ASP A 21 3.43 12.14 -8.60
C ASP A 21 2.26 11.26 -9.00
N LYS A 22 2.54 10.00 -9.33
CA LYS A 22 1.51 9.06 -9.74
C LYS A 22 0.85 8.43 -8.51
N VAL A 23 1.57 8.39 -7.41
CA VAL A 23 1.05 7.81 -6.17
C VAL A 23 -0.07 8.69 -5.59
N THR A 24 -1.29 8.42 -6.01
CA THR A 24 -2.45 9.18 -5.54
C THR A 24 -3.40 8.29 -4.73
N GLU A 25 -4.23 8.92 -3.92
CA GLU A 25 -5.18 8.18 -3.09
C GLU A 25 -6.00 7.22 -3.94
N GLY A 26 -6.42 7.68 -5.11
CA GLY A 26 -7.21 6.85 -6.00
C GLY A 26 -6.36 6.13 -7.03
N ALA A 27 -5.14 5.78 -6.64
CA ALA A 27 -4.22 5.08 -7.54
C ALA A 27 -4.24 3.58 -7.27
N SER A 28 -4.79 2.83 -8.21
CA SER A 28 -4.87 1.38 -8.08
C SER A 28 -3.60 0.71 -8.59
N PHE A 29 -2.88 0.04 -7.68
CA PHE A 29 -1.64 -0.63 -8.03
C PHE A 29 -1.89 -1.73 -9.06
N ILE A 30 -3.16 -2.09 -9.25
CA ILE A 30 -3.54 -3.12 -10.19
C ILE A 30 -3.68 -2.55 -11.60
N ASP A 31 -4.49 -1.50 -11.73
CA ASP A 31 -4.71 -0.87 -13.02
C ASP A 31 -3.77 0.32 -13.21
N ASP A 32 -3.89 1.31 -12.33
CA ASP A 32 -3.04 2.50 -12.41
C ASP A 32 -1.60 2.12 -12.72
N LEU A 33 -1.12 1.05 -12.10
CA LEU A 33 0.24 0.58 -12.33
C LEU A 33 0.27 -0.59 -13.29
N GLY A 34 -0.86 -1.26 -13.43
CA GLY A 34 -0.95 -2.40 -14.32
C GLY A 34 -0.42 -3.67 -13.70
N ALA A 35 -0.36 -3.71 -12.37
CA ALA A 35 0.13 -4.87 -11.66
C ALA A 35 -0.99 -5.88 -11.40
N ASP A 36 -0.61 -7.07 -10.94
CA ASP A 36 -1.59 -8.11 -10.65
C ASP A 36 -1.69 -8.36 -9.15
N SER A 37 -2.49 -9.34 -8.77
CA SER A 37 -2.69 -9.67 -7.36
C SER A 37 -1.35 -9.87 -6.66
N LEU A 38 -0.36 -10.33 -7.41
CA LEU A 38 0.97 -10.56 -6.86
C LEU A 38 1.48 -9.32 -6.13
N ASP A 39 1.41 -8.18 -6.80
CA ASP A 39 1.85 -6.92 -6.22
C ASP A 39 1.02 -6.55 -5.00
N THR A 40 -0.28 -6.85 -5.07
CA THR A 40 -1.18 -6.55 -3.97
C THR A 40 -0.77 -7.27 -2.68
N VAL A 41 -0.74 -8.60 -2.74
CA VAL A 41 -0.35 -9.40 -1.59
C VAL A 41 1.09 -9.13 -1.19
N GLU A 42 1.94 -8.91 -2.19
CA GLU A 42 3.36 -8.64 -1.94
C GLU A 42 3.54 -7.33 -1.18
N LEU A 43 2.87 -6.28 -1.65
CA LEU A 43 2.96 -4.97 -1.01
C LEU A 43 2.40 -5.03 0.41
N VAL A 44 1.24 -5.64 0.57
CA VAL A 44 0.60 -5.77 1.87
C VAL A 44 1.52 -6.49 2.86
N MET A 45 2.10 -7.60 2.41
CA MET A 45 2.99 -8.39 3.25
C MET A 45 4.21 -7.57 3.68
N ALA A 46 4.83 -6.90 2.71
CA ALA A 46 6.00 -6.08 2.98
C ALA A 46 5.70 -5.03 4.06
N PHE A 47 4.65 -4.24 3.84
CA PHE A 47 4.25 -3.22 4.79
C PHE A 47 3.99 -3.81 6.17
N GLU A 48 3.29 -4.94 6.20
CA GLU A 48 2.97 -5.61 7.45
C GLU A 48 4.24 -5.99 8.20
N GLU A 49 5.24 -6.45 7.47
CA GLU A 49 6.51 -6.85 8.06
C GLU A 49 7.33 -5.62 8.44
N GLU A 50 7.11 -4.52 7.74
CA GLU A 50 7.84 -3.29 8.00
C GLU A 50 7.32 -2.61 9.26
N PHE A 51 6.01 -2.41 9.33
CA PHE A 51 5.39 -1.77 10.48
C PHE A 51 5.22 -2.76 11.63
N GLY A 52 5.17 -4.04 11.29
CA GLY A 52 5.01 -5.06 12.31
C GLY A 52 3.59 -5.17 12.82
N VAL A 53 2.65 -5.33 11.90
CA VAL A 53 1.23 -5.44 12.27
C VAL A 53 0.67 -6.79 11.86
N GLU A 54 -0.61 -7.00 12.17
CA GLU A 54 -1.28 -8.26 11.84
C GLU A 54 -2.64 -8.00 11.21
N ILE A 55 -2.78 -8.33 9.94
CA ILE A 55 -4.05 -8.13 9.24
C ILE A 55 -4.52 -9.43 8.59
N PRO A 56 -5.84 -9.53 8.35
CA PRO A 56 -6.44 -10.72 7.74
C PRO A 56 -6.07 -10.85 6.26
N ASP A 57 -6.43 -11.98 5.66
CA ASP A 57 -6.14 -12.23 4.26
C ASP A 57 -7.04 -11.39 3.35
N ASP A 58 -8.27 -11.15 3.80
CA ASP A 58 -9.23 -10.37 3.04
C ASP A 58 -8.69 -8.96 2.78
N ALA A 59 -7.79 -8.51 3.64
CA ALA A 59 -7.20 -7.19 3.51
C ALA A 59 -6.63 -6.97 2.11
N ALA A 60 -5.82 -7.93 1.65
CA ALA A 60 -5.23 -7.85 0.33
C ALA A 60 -6.29 -7.65 -0.75
N GLU A 61 -7.51 -8.12 -0.46
CA GLU A 61 -8.61 -7.99 -1.42
C GLU A 61 -9.31 -6.65 -1.26
N THR A 62 -9.22 -6.08 -0.06
CA THR A 62 -9.85 -4.79 0.21
C THR A 62 -8.91 -3.63 -0.15
N ILE A 63 -7.62 -3.93 -0.25
CA ILE A 63 -6.63 -2.92 -0.59
C ILE A 63 -6.40 -2.87 -2.10
N LEU A 64 -7.04 -1.89 -2.75
CA LEU A 64 -6.90 -1.73 -4.19
C LEU A 64 -6.10 -0.47 -4.52
N THR A 65 -6.57 0.67 -4.00
CA THR A 65 -5.91 1.94 -4.24
C THR A 65 -4.92 2.26 -3.12
N VAL A 66 -4.13 3.32 -3.32
CA VAL A 66 -3.13 3.72 -2.32
C VAL A 66 -3.81 4.09 -1.01
N GLY A 67 -4.85 4.92 -1.08
CA GLY A 67 -5.56 5.33 0.11
C GLY A 67 -5.99 4.15 0.97
N ASP A 68 -6.29 3.03 0.32
CA ASP A 68 -6.71 1.82 1.03
C ASP A 68 -5.56 1.23 1.83
N ALA A 69 -4.46 0.94 1.16
CA ALA A 69 -3.29 0.37 1.81
C ALA A 69 -2.79 1.28 2.94
N VAL A 70 -2.82 2.59 2.69
CA VAL A 70 -2.37 3.57 3.68
C VAL A 70 -3.28 3.56 4.90
N LYS A 71 -4.57 3.73 4.68
CA LYS A 71 -5.54 3.75 5.77
C LYS A 71 -5.49 2.45 6.56
N PHE A 72 -5.20 1.35 5.87
CA PHE A 72 -5.11 0.04 6.51
C PHE A 72 -3.90 -0.03 7.45
N ILE A 73 -2.72 0.19 6.89
CA ILE A 73 -1.49 0.16 7.68
C ILE A 73 -1.56 1.12 8.86
N ASP A 74 -2.20 2.26 8.64
CA ASP A 74 -2.34 3.27 9.70
C ASP A 74 -3.32 2.79 10.77
N LYS A 75 -4.42 2.19 10.33
CA LYS A 75 -5.43 1.70 11.26
C LYS A 75 -4.86 0.60 12.16
N ALA A 76 -4.11 -0.32 11.56
CA ALA A 76 -3.50 -1.41 12.31
C ALA A 76 -2.26 -0.93 13.07
N SER A 77 -1.64 0.13 12.57
CA SER A 77 -0.44 0.68 13.20
C SER A 77 -0.72 1.09 14.64
N ALA A 78 -1.98 1.43 14.92
CA ALA A 78 -2.38 1.84 16.25
C ALA A 78 -2.61 0.62 17.15
N MET A 1 -0.70 17.04 8.09
CA MET A 1 0.51 16.26 7.86
C MET A 1 0.19 14.78 7.76
N SER A 2 1.00 14.06 6.98
CA SER A 2 0.81 12.63 6.78
C SER A 2 2.03 11.84 7.24
N ASP A 3 1.83 10.97 8.23
CA ASP A 3 2.92 10.16 8.75
C ASP A 3 2.93 8.77 8.11
N THR A 4 1.82 8.04 8.29
CA THR A 4 1.71 6.70 7.72
C THR A 4 1.69 6.75 6.20
N ALA A 5 0.86 7.63 5.64
CA ALA A 5 0.74 7.76 4.20
C ALA A 5 2.12 7.97 3.55
N GLU A 6 2.85 8.95 4.05
CA GLU A 6 4.18 9.25 3.53
C GLU A 6 5.05 7.99 3.50
N ARG A 7 4.97 7.20 4.56
CA ARG A 7 5.75 5.96 4.65
C ARG A 7 5.35 4.98 3.55
N VAL A 8 4.05 4.75 3.41
CA VAL A 8 3.54 3.85 2.38
C VAL A 8 3.99 4.28 0.99
N LYS A 9 3.60 5.48 0.60
CA LYS A 9 3.96 6.02 -0.71
C LYS A 9 5.47 5.92 -0.94
N LYS A 10 6.24 6.24 0.09
CA LYS A 10 7.70 6.18 0.00
C LYS A 10 8.17 4.78 -0.39
N ILE A 11 7.80 3.80 0.42
CA ILE A 11 8.18 2.41 0.14
C ILE A 11 7.71 1.97 -1.24
N VAL A 12 6.56 2.48 -1.65
CA VAL A 12 6.00 2.15 -2.96
C VAL A 12 6.83 2.75 -4.08
N VAL A 13 7.25 4.00 -3.90
CA VAL A 13 8.05 4.68 -4.91
C VAL A 13 9.43 4.05 -5.03
N GLU A 14 9.97 3.60 -3.90
CA GLU A 14 11.29 2.97 -3.88
C GLU A 14 11.21 1.52 -4.32
N HIS A 15 10.04 0.91 -4.13
CA HIS A 15 9.83 -0.48 -4.51
C HIS A 15 9.49 -0.60 -5.99
N LEU A 16 8.43 0.07 -6.40
CA LEU A 16 7.98 0.05 -7.79
C LEU A 16 8.90 0.89 -8.66
N GLY A 17 9.46 1.95 -8.08
CA GLY A 17 10.35 2.81 -8.83
C GLY A 17 9.60 3.78 -9.72
N VAL A 18 8.43 4.22 -9.27
CA VAL A 18 7.62 5.15 -10.04
C VAL A 18 7.65 6.55 -9.43
N ASP A 19 6.92 7.47 -10.03
CA ASP A 19 6.85 8.84 -9.54
C ASP A 19 5.83 8.98 -8.41
N ALA A 20 6.13 9.84 -7.45
CA ALA A 20 5.24 10.06 -6.32
C ALA A 20 4.02 10.87 -6.73
N ASP A 21 4.21 11.76 -7.69
CA ASP A 21 3.11 12.60 -8.18
C ASP A 21 1.93 11.76 -8.62
N LYS A 22 2.21 10.53 -9.04
CA LYS A 22 1.18 9.61 -9.50
C LYS A 22 0.57 8.85 -8.32
N VAL A 23 1.36 8.68 -7.26
CA VAL A 23 0.91 7.97 -6.07
C VAL A 23 -0.24 8.70 -5.39
N THR A 24 -1.47 8.35 -5.76
CA THR A 24 -2.65 8.99 -5.19
C THR A 24 -3.59 7.95 -4.58
N GLU A 25 -4.38 8.38 -3.60
CA GLU A 25 -5.32 7.49 -2.94
C GLU A 25 -6.19 6.76 -3.96
N GLY A 26 -6.43 7.41 -5.10
CA GLY A 26 -7.25 6.80 -6.13
C GLY A 26 -6.42 6.08 -7.18
N ALA A 27 -5.29 5.53 -6.75
CA ALA A 27 -4.40 4.82 -7.67
C ALA A 27 -4.40 3.33 -7.36
N SER A 28 -4.94 2.54 -8.30
CA SER A 28 -5.01 1.09 -8.13
C SER A 28 -3.74 0.42 -8.64
N PHE A 29 -3.02 -0.22 -7.74
CA PHE A 29 -1.78 -0.91 -8.10
C PHE A 29 -2.04 -2.03 -9.09
N ILE A 30 -3.31 -2.38 -9.25
CA ILE A 30 -3.70 -3.44 -10.17
C ILE A 30 -3.86 -2.91 -11.59
N ASP A 31 -4.66 -1.86 -11.75
CA ASP A 31 -4.89 -1.26 -13.05
C ASP A 31 -3.95 -0.07 -13.26
N ASP A 32 -4.08 0.94 -12.40
CA ASP A 32 -3.25 2.13 -12.50
C ASP A 32 -1.80 1.76 -12.80
N LEU A 33 -1.31 0.71 -12.14
CA LEU A 33 0.06 0.27 -12.34
C LEU A 33 0.10 -0.95 -13.26
N GLY A 34 -1.04 -1.59 -13.44
CA GLY A 34 -1.11 -2.76 -14.29
C GLY A 34 -0.46 -3.98 -13.67
N ALA A 35 -0.59 -4.11 -12.36
CA ALA A 35 -0.01 -5.23 -11.64
C ALA A 35 -1.06 -6.31 -11.34
N ASP A 36 -0.61 -7.44 -10.82
CA ASP A 36 -1.51 -8.54 -10.49
C ASP A 36 -1.66 -8.69 -8.98
N SER A 37 -2.51 -9.62 -8.57
CA SER A 37 -2.75 -9.85 -7.15
C SER A 37 -1.43 -10.06 -6.40
N LEU A 38 -0.47 -10.66 -7.09
CA LEU A 38 0.85 -10.92 -6.49
C LEU A 38 1.42 -9.65 -5.87
N ASP A 39 1.54 -8.61 -6.69
CA ASP A 39 2.07 -7.33 -6.22
C ASP A 39 1.25 -6.78 -5.06
N THR A 40 -0.06 -7.00 -5.12
CA THR A 40 -0.97 -6.53 -4.07
C THR A 40 -0.59 -7.12 -2.72
N VAL A 41 -0.64 -8.43 -2.63
CA VAL A 41 -0.31 -9.13 -1.39
C VAL A 41 1.14 -8.86 -0.98
N GLU A 42 2.01 -8.69 -1.97
CA GLU A 42 3.41 -8.41 -1.71
C GLU A 42 3.60 -7.06 -1.05
N LEU A 43 3.09 -6.02 -1.68
CA LEU A 43 3.20 -4.66 -1.15
C LEU A 43 2.55 -4.56 0.23
N VAL A 44 1.30 -5.01 0.32
CA VAL A 44 0.57 -4.97 1.58
C VAL A 44 1.35 -5.69 2.68
N MET A 45 1.74 -6.93 2.42
CA MET A 45 2.49 -7.72 3.38
C MET A 45 3.76 -6.99 3.82
N ALA A 46 4.42 -6.35 2.85
CA ALA A 46 5.65 -5.61 3.14
C ALA A 46 5.40 -4.50 4.15
N PHE A 47 4.43 -3.64 3.85
CA PHE A 47 4.10 -2.52 4.72
C PHE A 47 3.74 -3.02 6.13
N GLU A 48 2.94 -4.08 6.17
CA GLU A 48 2.52 -4.66 7.45
C GLU A 48 3.74 -5.11 8.26
N GLU A 49 4.67 -5.78 7.60
CA GLU A 49 5.88 -6.29 8.26
C GLU A 49 6.80 -5.12 8.63
N GLU A 50 6.71 -4.04 7.88
CA GLU A 50 7.53 -2.87 8.12
C GLU A 50 7.00 -2.05 9.29
N PHE A 51 5.67 -1.96 9.38
CA PHE A 51 5.02 -1.20 10.45
C PHE A 51 4.90 -2.07 11.71
N GLY A 52 4.88 -3.37 11.53
CA GLY A 52 4.77 -4.28 12.66
C GLY A 52 3.33 -4.66 12.94
N VAL A 53 2.51 -4.73 11.90
CA VAL A 53 1.11 -5.09 12.04
C VAL A 53 0.78 -6.36 11.28
N GLU A 54 -0.31 -7.01 11.66
CA GLU A 54 -0.74 -8.25 11.00
C GLU A 54 -2.18 -8.13 10.51
N ILE A 55 -2.39 -8.51 9.25
CA ILE A 55 -3.72 -8.45 8.66
C ILE A 55 -4.12 -9.80 8.07
N PRO A 56 -5.43 -10.05 8.00
CA PRO A 56 -5.97 -11.31 7.46
C PRO A 56 -5.78 -11.41 5.95
N ASP A 57 -5.94 -12.62 5.43
CA ASP A 57 -5.79 -12.85 3.99
C ASP A 57 -6.84 -12.11 3.20
N ASP A 58 -8.04 -11.99 3.78
CA ASP A 58 -9.14 -11.30 3.13
C ASP A 58 -8.87 -9.81 3.03
N ALA A 59 -8.18 -9.27 4.03
CA ALA A 59 -7.84 -7.85 4.05
C ALA A 59 -7.04 -7.45 2.83
N ALA A 60 -6.31 -8.41 2.26
CA ALA A 60 -5.50 -8.16 1.08
C ALA A 60 -6.38 -7.90 -0.15
N GLU A 61 -7.60 -8.42 -0.11
CA GLU A 61 -8.53 -8.25 -1.22
C GLU A 61 -9.24 -6.90 -1.13
N THR A 62 -9.34 -6.37 0.08
CA THR A 62 -9.99 -5.08 0.31
C THR A 62 -9.07 -3.93 -0.08
N ILE A 63 -7.78 -4.21 -0.17
CA ILE A 63 -6.80 -3.20 -0.54
C ILE A 63 -6.58 -3.16 -2.05
N LEU A 64 -7.22 -2.20 -2.71
CA LEU A 64 -7.09 -2.06 -4.15
C LEU A 64 -6.31 -0.79 -4.51
N THR A 65 -6.81 0.35 -4.07
CA THR A 65 -6.15 1.63 -4.33
C THR A 65 -5.23 2.02 -3.19
N VAL A 66 -4.33 2.97 -3.44
CA VAL A 66 -3.40 3.44 -2.44
C VAL A 66 -4.12 3.83 -1.15
N GLY A 67 -5.24 4.53 -1.30
CA GLY A 67 -6.01 4.96 -0.14
C GLY A 67 -6.34 3.80 0.78
N ASP A 68 -6.60 2.64 0.20
CA ASP A 68 -6.95 1.46 0.97
C ASP A 68 -5.74 0.96 1.76
N ALA A 69 -4.65 0.69 1.06
CA ALA A 69 -3.42 0.21 1.70
C ALA A 69 -2.98 1.15 2.80
N VAL A 70 -2.95 2.46 2.50
CA VAL A 70 -2.54 3.45 3.47
C VAL A 70 -3.47 3.47 4.68
N LYS A 71 -4.77 3.62 4.41
CA LYS A 71 -5.77 3.65 5.48
C LYS A 71 -5.66 2.41 6.36
N PHE A 72 -5.27 1.29 5.75
CA PHE A 72 -5.13 0.04 6.48
C PHE A 72 -3.93 0.09 7.43
N ILE A 73 -2.76 0.35 6.86
CA ILE A 73 -1.54 0.43 7.66
C ILE A 73 -1.67 1.45 8.78
N ASP A 74 -2.41 2.52 8.51
CA ASP A 74 -2.63 3.57 9.50
C ASP A 74 -3.67 3.14 10.54
N LYS A 75 -4.67 2.41 10.07
CA LYS A 75 -5.74 1.93 10.95
C LYS A 75 -5.19 0.98 12.01
N ALA A 76 -4.34 0.06 11.58
CA ALA A 76 -3.74 -0.91 12.49
C ALA A 76 -2.45 -0.37 13.10
N SER A 77 -2.17 0.90 12.83
CA SER A 77 -0.97 1.55 13.36
C SER A 77 -1.02 1.63 14.88
N ALA A 78 -2.23 1.78 15.42
CA ALA A 78 -2.41 1.87 16.86
C ALA A 78 -3.72 1.20 17.29
#